data_6Q3O
#
_entry.id   6Q3O
#
_cell.length_a   59.106
_cell.length_b   76.478
_cell.length_c   81.417
_cell.angle_alpha   66.10
_cell.angle_beta   86.83
_cell.angle_gamma   73.60
#
_symmetry.space_group_name_H-M   'P 1'
#
loop_
_entity.id
_entity.type
_entity.pdbx_description
1 polymer 'Carbonic anhydrase 2'
2 polymer 'Aromatic foldamer'
3 non-polymer 'ZINC ION'
4 non-polymer GLYCEROL
5 non-polymer '4-sulfamoylbenzoic acid'
6 water water
#
loop_
_entity_poly.entity_id
_entity_poly.type
_entity_poly.pdbx_seq_one_letter_code
_entity_poly.pdbx_strand_id
1 'polypeptide(L)'
;SHHWGYGKHNGPEHWHKDFPIAKGERQSPVDIDTHTAKYDPSLKPLSVSYDQATSLRILNNGHAFNVEFDDSQDKAVLKG
GPLDGTYRLIQFHFHWGSLDGQGSEHTVDKKKYAAELHLVHWNTKYGDFGKAVQQPDGLAVLGIFLKVGSAKPGLQKVVD
VLDSIKTKGKSADFTNFDPRGLLPESLDYWTYPGSLTTPPLLECVTWIVLKEPISVSSEQVLKFRKLNFNGEGEPEELMV
DNWRPAQPLKNRQIKASFK
;
A,B,C,D
2 'polypeptide(L)' (ACE)(QUJ)(A1IMX)(QUK)(QVE) H,E,F,G
#
# COMPACT_ATOMS: atom_id res chain seq x y z
N HIS A 3 5.25 6.68 20.87
CA HIS A 3 5.37 7.82 19.93
C HIS A 3 4.25 8.85 20.18
N TRP A 4 4.60 10.13 20.16
CA TRP A 4 3.66 11.27 20.34
C TRP A 4 2.56 11.25 19.27
N GLY A 5 1.41 11.80 19.60
CA GLY A 5 0.34 12.09 18.62
C GLY A 5 -0.67 13.11 19.14
N TYR A 6 -1.96 12.88 18.90
CA TYR A 6 -3.04 13.82 19.29
C TYR A 6 -4.13 13.06 20.06
N GLY A 7 -3.83 11.88 20.58
CA GLY A 7 -4.78 11.00 21.31
C GLY A 7 -4.88 11.34 22.81
N LYS A 8 -5.77 10.65 23.51
CA LYS A 8 -6.01 10.78 24.98
C LYS A 8 -4.69 10.72 25.76
N HIS A 9 -3.77 9.82 25.39
CA HIS A 9 -2.61 9.41 26.22
C HIS A 9 -1.29 9.97 25.64
N ASN A 10 -1.23 10.39 24.37
CA ASN A 10 0.05 10.77 23.71
C ASN A 10 -0.04 12.20 23.09
N GLY A 11 -1.07 12.97 23.46
CA GLY A 11 -1.39 14.27 22.85
C GLY A 11 -0.64 15.43 23.52
N PRO A 12 -0.95 16.68 23.11
CA PRO A 12 -0.26 17.87 23.59
C PRO A 12 -0.03 17.95 25.12
N GLU A 13 -1.03 17.58 25.92
CA GLU A 13 -0.92 17.56 27.41
C GLU A 13 0.24 16.63 27.88
N HIS A 14 0.60 15.61 27.10
CA HIS A 14 1.59 14.56 27.46
C HIS A 14 2.99 14.86 26.86
N TRP A 15 3.11 15.75 25.87
CA TRP A 15 4.37 15.91 25.10
C TRP A 15 5.54 16.22 26.03
N HIS A 16 5.29 17.00 27.09
CA HIS A 16 6.32 17.50 28.04
C HIS A 16 7.13 16.33 28.59
N LYS A 17 6.53 15.13 28.73
CA LYS A 17 7.17 13.94 29.34
C LYS A 17 8.38 13.49 28.49
N ASP A 18 8.31 13.65 27.18
CA ASP A 18 9.31 13.14 26.21
C ASP A 18 10.09 14.29 25.59
N PHE A 19 9.51 15.49 25.55
CA PHE A 19 10.09 16.71 24.90
C PHE A 19 10.03 17.85 25.91
N PRO A 20 11.02 17.97 26.81
CA PRO A 20 10.91 18.88 27.95
C PRO A 20 10.67 20.34 27.55
N ILE A 21 11.17 20.75 26.39
CA ILE A 21 11.01 22.14 25.85
C ILE A 21 9.53 22.49 25.66
N ALA A 22 8.61 21.52 25.70
CA ALA A 22 7.15 21.74 25.58
C ALA A 22 6.68 22.77 26.61
N LYS A 23 7.42 22.95 27.69
CA LYS A 23 7.09 23.92 28.76
C LYS A 23 8.07 25.09 28.70
N GLY A 24 8.67 25.34 27.56
CA GLY A 24 9.63 26.44 27.38
C GLY A 24 8.93 27.80 27.38
N GLU A 25 9.73 28.85 27.27
CA GLU A 25 9.34 30.26 27.37
C GLU A 25 8.76 30.83 26.06
N ARG A 26 8.86 30.10 24.95
CA ARG A 26 8.47 30.61 23.61
C ARG A 26 7.74 29.51 22.83
N GLN A 27 6.68 28.97 23.39
CA GLN A 27 5.94 27.85 22.76
C GLN A 27 4.85 28.41 21.84
N SER A 28 4.58 27.68 20.76
CA SER A 28 3.55 27.99 19.76
C SER A 28 2.57 26.83 19.68
N PRO A 29 1.30 27.07 19.30
CA PRO A 29 0.83 28.40 18.92
C PRO A 29 0.45 29.27 20.13
N VAL A 30 -0.06 30.46 19.84
CA VAL A 30 -0.59 31.42 20.85
C VAL A 30 -1.91 32.02 20.36
N ASP A 31 -2.69 32.54 21.31
CA ASP A 31 -3.84 33.40 21.00
C ASP A 31 -3.31 34.80 20.64
N ILE A 32 -3.81 35.36 19.53
CA ILE A 32 -3.46 36.74 19.09
C ILE A 32 -4.61 37.66 19.47
N ASP A 33 -4.46 38.38 20.59
CA ASP A 33 -5.44 39.37 21.08
C ASP A 33 -5.16 40.67 20.31
N THR A 34 -6.14 41.14 19.55
CA THR A 34 -6.00 42.32 18.66
C THR A 34 -5.99 43.59 19.50
N HIS A 35 -6.31 43.52 20.81
CA HIS A 35 -6.20 44.67 21.78
C HIS A 35 -4.71 44.96 22.09
N THR A 36 -3.86 43.94 22.15
CA THR A 36 -2.42 44.01 22.60
C THR A 36 -1.44 43.76 21.45
N ALA A 37 -1.85 43.11 20.37
CA ALA A 37 -0.99 42.86 19.20
C ALA A 37 -0.94 44.14 18.35
N LYS A 38 -0.10 45.10 18.74
CA LYS A 38 -0.14 46.51 18.24
C LYS A 38 0.59 46.63 16.90
N TYR A 39 0.12 47.56 16.05
CA TYR A 39 0.79 47.98 14.79
C TYR A 39 2.23 48.39 15.12
N ASP A 40 3.20 47.92 14.34
CA ASP A 40 4.62 48.33 14.43
C ASP A 40 5.05 48.99 13.12
N PRO A 41 5.13 50.33 13.04
CA PRO A 41 5.54 50.99 11.78
C PRO A 41 6.98 50.67 11.35
N SER A 42 7.82 50.12 12.25
CA SER A 42 9.23 49.74 11.95
C SER A 42 9.30 48.41 11.17
N LEU A 43 8.21 47.64 11.08
CA LEU A 43 8.19 46.38 10.29
C LEU A 43 8.28 46.73 8.80
N LYS A 44 9.35 46.30 8.12
CA LYS A 44 9.51 46.38 6.64
C LYS A 44 8.50 45.45 5.97
N PRO A 45 8.12 45.74 4.70
CA PRO A 45 7.10 44.93 4.01
C PRO A 45 7.61 43.49 3.90
N LEU A 46 6.71 42.53 3.87
CA LEU A 46 7.07 41.09 3.70
C LEU A 46 7.30 40.83 2.20
N SER A 47 8.36 40.10 1.83
CA SER A 47 8.64 39.72 0.44
C SER A 47 8.54 38.21 0.26
N VAL A 48 7.48 37.73 -0.38
CA VAL A 48 7.29 36.30 -0.77
C VAL A 48 7.72 36.15 -2.22
N SER A 49 8.69 35.28 -2.50
CA SER A 49 9.22 35.01 -3.86
C SER A 49 9.06 33.53 -4.19
N TYR A 50 7.88 33.14 -4.66
CA TYR A 50 7.49 31.71 -4.91
C TYR A 50 7.42 31.36 -6.40
N ASP A 51 7.77 32.30 -7.30
CA ASP A 51 7.56 32.10 -8.76
C ASP A 51 8.22 30.80 -9.22
N GLN A 52 9.42 30.47 -8.75
CA GLN A 52 10.17 29.29 -9.24
C GLN A 52 10.09 28.10 -8.28
N ALA A 53 9.14 28.06 -7.35
CA ALA A 53 8.94 26.95 -6.39
C ALA A 53 8.92 25.62 -7.15
N THR A 54 9.71 24.66 -6.71
CA THR A 54 9.78 23.29 -7.30
C THR A 54 9.26 22.27 -6.28
N SER A 55 7.98 21.92 -6.34
CA SER A 55 7.39 20.85 -5.49
C SER A 55 8.01 19.50 -5.93
N LEU A 56 8.26 18.60 -4.98
CA LEU A 56 8.88 17.26 -5.24
C LEU A 56 7.92 16.14 -4.89
N ARG A 57 7.37 16.14 -3.70
CA ARG A 57 6.67 14.95 -3.14
C ARG A 57 5.61 15.42 -2.16
N ILE A 58 4.62 14.58 -1.94
CA ILE A 58 3.63 14.72 -0.85
C ILE A 58 3.65 13.43 -0.03
N LEU A 59 3.54 13.52 1.29
CA LEU A 59 3.64 12.33 2.18
C LEU A 59 2.75 12.49 3.41
N ASN A 60 2.18 11.38 3.80
CA ASN A 60 1.48 11.17 5.09
C ASN A 60 2.52 10.70 6.09
N ASN A 61 2.83 11.53 7.08
CA ASN A 61 3.88 11.18 8.10
C ASN A 61 3.22 10.67 9.38
N GLY A 62 1.92 10.43 9.40
CA GLY A 62 1.19 9.95 10.60
C GLY A 62 0.71 11.07 11.50
N HIS A 63 1.02 12.33 11.19
CA HIS A 63 0.61 13.53 11.97
C HIS A 63 -0.16 14.51 11.07
N ALA A 64 0.35 14.75 9.86
CA ALA A 64 -0.27 15.56 8.80
C ALA A 64 0.18 14.99 7.45
N PHE A 65 -0.02 15.75 6.37
CA PHE A 65 0.66 15.52 5.08
C PHE A 65 1.52 16.75 4.75
N ASN A 66 2.72 16.46 4.26
CA ASN A 66 3.77 17.44 3.88
C ASN A 66 3.90 17.43 2.36
N VAL A 67 3.83 18.59 1.73
CA VAL A 67 4.32 18.82 0.36
C VAL A 67 5.74 19.36 0.49
N GLU A 68 6.71 18.61 -0.02
CA GLU A 68 8.16 18.97 0.09
C GLU A 68 8.60 19.65 -1.20
N PHE A 69 9.53 20.60 -1.05
CA PHE A 69 10.06 21.46 -2.14
C PHE A 69 11.56 21.26 -2.26
N ASP A 70 12.10 21.45 -3.45
CA ASP A 70 13.56 21.55 -3.70
C ASP A 70 14.07 22.82 -3.01
N ASP A 71 14.89 22.66 -1.99
CA ASP A 71 15.45 23.75 -1.15
C ASP A 71 16.97 23.83 -1.33
N SER A 72 17.51 23.28 -2.41
CA SER A 72 18.96 23.36 -2.73
C SER A 72 19.33 24.76 -3.27
N GLN A 73 18.35 25.58 -3.63
CA GLN A 73 18.52 26.93 -4.18
C GLN A 73 17.43 27.86 -3.65
N ASP A 74 17.59 29.16 -3.93
CA ASP A 74 16.67 30.27 -3.55
C ASP A 74 15.53 30.37 -4.58
N LYS A 75 14.85 29.27 -4.90
CA LYS A 75 13.72 29.23 -5.87
C LYS A 75 12.38 29.63 -5.23
N ALA A 76 12.28 29.47 -3.92
CA ALA A 76 11.06 29.81 -3.17
C ALA A 76 11.49 30.32 -1.80
N VAL A 77 11.48 31.64 -1.60
CA VAL A 77 12.08 32.29 -0.41
C VAL A 77 11.16 33.37 0.15
N LEU A 78 11.30 33.57 1.45
CA LEU A 78 10.71 34.64 2.29
C LEU A 78 11.85 35.57 2.67
N LYS A 79 11.66 36.87 2.44
CA LYS A 79 12.58 37.97 2.85
C LYS A 79 11.75 39.11 3.42
N GLY A 80 12.43 40.05 4.08
CA GLY A 80 11.83 41.25 4.69
C GLY A 80 10.91 40.88 5.83
N GLY A 81 9.89 41.68 6.07
CA GLY A 81 9.06 41.64 7.29
C GLY A 81 9.99 41.66 8.49
N PRO A 82 9.82 40.75 9.47
CA PRO A 82 10.71 40.71 10.62
C PRO A 82 12.06 40.01 10.35
N LEU A 83 12.29 39.47 9.15
CA LEU A 83 13.42 38.53 8.89
C LEU A 83 14.67 39.28 8.46
N ASP A 84 15.82 38.92 9.02
CA ASP A 84 17.15 39.19 8.44
C ASP A 84 17.55 37.99 7.57
N GLY A 85 17.82 38.23 6.28
CA GLY A 85 18.40 37.21 5.39
C GLY A 85 17.35 36.44 4.60
N THR A 86 17.75 35.30 4.03
CA THR A 86 16.92 34.55 3.07
C THR A 86 16.46 33.24 3.71
N TYR A 87 15.15 32.97 3.65
CA TYR A 87 14.52 31.77 4.23
C TYR A 87 13.88 30.93 3.10
N ARG A 88 14.42 29.72 2.86
CA ARG A 88 13.98 28.83 1.76
C ARG A 88 12.84 27.92 2.22
N LEU A 89 11.76 27.90 1.42
CA LEU A 89 10.61 26.99 1.56
C LEU A 89 11.10 25.53 1.46
N ILE A 90 10.86 24.75 2.49
CA ILE A 90 11.21 23.30 2.52
C ILE A 90 9.91 22.49 2.42
N GLN A 91 8.85 22.86 3.11
CA GLN A 91 7.58 22.09 3.03
C GLN A 91 6.42 22.97 3.52
N PHE A 92 5.20 22.61 3.14
CA PHE A 92 3.97 23.09 3.77
C PHE A 92 3.13 21.87 4.21
N HIS A 93 2.28 22.12 5.18
CA HIS A 93 1.34 21.13 5.75
C HIS A 93 0.18 21.91 6.35
N PHE A 94 -0.89 21.21 6.71
CA PHE A 94 -2.04 21.81 7.40
C PHE A 94 -2.20 21.14 8.77
N HIS A 95 -2.93 21.82 9.64
CA HIS A 95 -3.63 21.28 10.83
C HIS A 95 -5.12 21.56 10.65
N TRP A 96 -6.00 20.62 10.99
CA TRP A 96 -7.46 20.78 10.78
C TRP A 96 -8.25 20.01 11.85
N GLY A 97 -9.55 20.30 11.91
CA GLY A 97 -10.43 19.74 12.94
C GLY A 97 -11.31 18.65 12.41
N SER A 98 -12.06 18.04 13.34
CA SER A 98 -13.13 17.06 13.05
C SER A 98 -14.41 17.81 12.65
N LEU A 99 -14.55 19.07 13.04
CA LEU A 99 -15.70 19.99 12.81
C LEU A 99 -15.17 21.35 12.37
N ASP A 100 -15.99 22.12 11.65
CA ASP A 100 -15.65 23.44 11.07
C ASP A 100 -15.24 24.45 12.17
N GLY A 101 -15.79 24.30 13.39
CA GLY A 101 -15.58 25.26 14.48
C GLY A 101 -14.21 25.14 15.13
N GLN A 102 -13.36 24.22 14.68
CA GLN A 102 -12.02 24.00 15.28
C GLN A 102 -11.07 23.42 14.22
N GLY A 103 -9.75 23.50 14.51
CA GLY A 103 -8.70 23.03 13.60
C GLY A 103 -7.47 23.91 13.64
N SER A 104 -7.62 25.23 13.75
CA SER A 104 -6.45 26.17 13.73
C SER A 104 -5.64 25.98 15.02
N GLU A 105 -4.33 26.21 14.93
CA GLU A 105 -3.41 26.24 16.08
C GLU A 105 -3.47 27.64 16.70
N HIS A 106 -3.03 28.65 15.97
CA HIS A 106 -3.25 30.07 16.35
C HIS A 106 -4.75 30.34 16.38
N THR A 107 -5.12 31.29 17.23
CA THR A 107 -6.48 31.84 17.39
C THR A 107 -6.35 33.37 17.34
N VAL A 108 -7.42 34.04 16.93
CA VAL A 108 -7.47 35.53 16.88
C VAL A 108 -8.64 35.92 17.78
N ASP A 109 -8.34 36.59 18.90
CA ASP A 109 -9.34 36.93 19.94
C ASP A 109 -10.11 35.65 20.32
N LYS A 110 -9.39 34.54 20.45
CA LYS A 110 -9.90 33.18 20.85
C LYS A 110 -10.73 32.51 19.73
N LYS A 111 -10.97 33.16 18.59
CA LYS A 111 -11.65 32.49 17.44
C LYS A 111 -10.73 31.41 16.88
N LYS A 112 -11.23 30.18 16.82
CA LYS A 112 -10.56 29.06 16.09
C LYS A 112 -11.10 29.00 14.65
N TYR A 113 -10.21 28.81 13.68
CA TYR A 113 -10.56 28.54 12.27
C TYR A 113 -10.62 27.02 12.02
N ALA A 114 -11.16 26.63 10.87
CA ALA A 114 -11.39 25.24 10.44
C ALA A 114 -10.06 24.50 10.25
N ALA A 115 -9.01 25.23 9.86
CA ALA A 115 -7.66 24.67 9.64
C ALA A 115 -6.65 25.80 9.57
N GLU A 116 -5.39 25.43 9.55
CA GLU A 116 -4.26 26.37 9.45
C GLU A 116 -3.20 25.74 8.54
N LEU A 117 -2.76 26.50 7.55
CA LEU A 117 -1.67 26.16 6.62
C LEU A 117 -0.35 26.73 7.16
N HIS A 118 0.69 25.92 7.18
CA HIS A 118 2.07 26.27 7.64
C HIS A 118 3.04 26.07 6.48
N LEU A 119 3.51 27.16 5.88
CA LEU A 119 4.63 27.17 4.94
C LEU A 119 5.95 27.34 5.74
N VAL A 120 6.81 26.32 5.70
CA VAL A 120 8.01 26.19 6.56
C VAL A 120 9.24 26.57 5.75
N HIS A 121 10.01 27.52 6.25
CA HIS A 121 11.22 28.06 5.59
C HIS A 121 12.37 28.07 6.59
N TRP A 122 13.61 27.89 6.12
CA TRP A 122 14.80 27.89 6.99
C TRP A 122 15.84 28.89 6.46
N ASN A 123 16.55 29.51 7.39
CA ASN A 123 17.55 30.58 7.17
C ASN A 123 18.81 29.98 6.50
N THR A 124 19.17 30.45 5.32
CA THR A 124 20.25 29.88 4.48
C THR A 124 21.60 30.15 5.15
N LYS A 125 21.64 31.10 6.08
CA LYS A 125 22.80 31.38 6.94
C LYS A 125 23.30 30.09 7.62
N TYR A 126 22.44 29.08 7.84
CA TYR A 126 22.82 27.90 8.66
C TYR A 126 23.11 26.65 7.83
N GLY A 127 23.01 26.65 6.51
CA GLY A 127 23.58 25.50 5.75
C GLY A 127 22.56 24.40 5.49
N ASP A 128 21.83 23.93 6.49
CA ASP A 128 20.67 23.01 6.29
C ASP A 128 19.62 23.21 7.38
N PHE A 129 18.46 22.60 7.20
CA PHE A 129 17.30 22.61 8.12
C PHE A 129 17.67 22.12 9.52
N GLY A 130 18.43 21.01 9.62
CA GLY A 130 18.83 20.39 10.90
C GLY A 130 19.62 21.35 11.76
N LYS A 131 20.42 22.21 11.14
CA LYS A 131 21.24 23.21 11.87
C LYS A 131 20.39 24.43 12.19
N ALA A 132 19.48 24.79 11.27
CA ALA A 132 18.61 25.98 11.39
C ALA A 132 17.69 25.83 12.61
N VAL A 133 17.23 24.63 12.93
CA VAL A 133 16.23 24.44 14.03
C VAL A 133 16.92 24.63 15.38
N GLN A 134 18.24 24.73 15.43
CA GLN A 134 19.00 24.92 16.69
C GLN A 134 19.19 26.41 16.98
N GLN A 135 18.67 27.30 16.13
CA GLN A 135 18.90 28.76 16.24
C GLN A 135 17.59 29.52 16.40
N PRO A 136 17.52 30.55 17.26
CA PRO A 136 16.28 31.30 17.47
C PRO A 136 15.76 31.93 16.18
N ASP A 137 16.65 32.27 15.23
CA ASP A 137 16.33 32.93 13.93
C ASP A 137 16.41 31.90 12.79
N GLY A 138 16.28 30.63 13.10
CA GLY A 138 16.53 29.54 12.14
C GLY A 138 15.41 29.35 11.14
N LEU A 139 14.16 29.49 11.59
CA LEU A 139 12.97 29.14 10.79
C LEU A 139 12.05 30.35 10.72
N ALA A 140 11.31 30.42 9.62
CA ALA A 140 10.17 31.34 9.46
C ALA A 140 8.99 30.51 8.96
N VAL A 141 7.94 30.46 9.75
CA VAL A 141 6.70 29.75 9.33
C VAL A 141 5.63 30.79 9.02
N LEU A 142 5.19 30.79 7.77
CA LEU A 142 4.02 31.54 7.27
C LEU A 142 2.76 30.72 7.57
N GLY A 143 1.93 31.24 8.46
CA GLY A 143 0.67 30.64 8.92
C GLY A 143 -0.49 31.32 8.24
N ILE A 144 -1.37 30.53 7.63
CA ILE A 144 -2.59 31.03 6.94
C ILE A 144 -3.81 30.26 7.46
N PHE A 145 -4.82 30.99 7.92
CA PHE A 145 -6.11 30.44 8.42
C PHE A 145 -6.96 29.95 7.25
N LEU A 146 -7.68 28.84 7.47
CA LEU A 146 -8.70 28.31 6.52
C LEU A 146 -10.09 28.40 7.14
N LYS A 147 -11.03 28.99 6.41
CA LYS A 147 -12.48 28.97 6.77
C LYS A 147 -13.24 28.30 5.63
N VAL A 148 -14.44 27.80 5.92
CA VAL A 148 -15.25 27.04 4.95
C VAL A 148 -16.16 28.01 4.19
N GLY A 149 -15.99 28.08 2.88
CA GLY A 149 -16.86 28.86 1.98
C GLY A 149 -16.74 28.33 0.57
N SER A 150 -16.36 29.21 -0.34
CA SER A 150 -15.94 28.90 -1.72
C SER A 150 -14.71 27.98 -1.71
N ALA A 151 -14.64 27.12 -2.72
CA ALA A 151 -13.46 26.31 -3.08
C ALA A 151 -12.24 27.22 -3.27
N LYS A 152 -11.07 26.79 -2.77
CA LYS A 152 -9.76 27.38 -3.14
C LYS A 152 -9.25 26.65 -4.37
N PRO A 153 -9.30 27.25 -5.59
CA PRO A 153 -8.83 26.56 -6.81
C PRO A 153 -7.40 26.01 -6.69
N GLY A 154 -6.50 26.81 -6.11
CA GLY A 154 -5.08 26.45 -5.91
C GLY A 154 -4.89 25.27 -4.96
N LEU A 155 -5.91 24.86 -4.21
CA LEU A 155 -5.87 23.70 -3.28
C LEU A 155 -6.22 22.39 -3.99
N GLN A 156 -6.88 22.48 -5.16
CA GLN A 156 -7.56 21.31 -5.77
C GLN A 156 -6.53 20.23 -6.09
N LYS A 157 -5.33 20.62 -6.55
CA LYS A 157 -4.30 19.67 -7.00
C LYS A 157 -3.80 18.86 -5.80
N VAL A 158 -3.80 19.44 -4.60
CA VAL A 158 -3.41 18.75 -3.33
C VAL A 158 -4.51 17.74 -2.97
N VAL A 159 -5.73 18.23 -2.82
CA VAL A 159 -6.90 17.41 -2.42
C VAL A 159 -7.03 16.18 -3.36
N ASP A 160 -6.80 16.37 -4.67
CA ASP A 160 -7.02 15.33 -5.68
C ASP A 160 -5.99 14.19 -5.58
N VAL A 161 -4.85 14.40 -4.83
CA VAL A 161 -3.87 13.28 -4.73
C VAL A 161 -3.98 12.54 -3.38
N LEU A 162 -4.83 12.98 -2.44
CA LEU A 162 -4.78 12.51 -1.02
C LEU A 162 -5.19 11.03 -0.88
N ASP A 163 -6.03 10.51 -1.77
CA ASP A 163 -6.36 9.06 -1.80
C ASP A 163 -5.12 8.20 -2.01
N SER A 164 -4.06 8.72 -2.65
CA SER A 164 -2.80 7.99 -2.94
C SER A 164 -1.88 7.94 -1.72
N ILE A 165 -2.14 8.76 -0.69
CA ILE A 165 -1.33 8.80 0.58
C ILE A 165 -2.25 8.75 1.80
N LYS A 166 -3.29 7.89 1.77
CA LYS A 166 -4.30 7.81 2.85
C LYS A 166 -3.68 7.43 4.21
N THR A 167 -2.70 6.53 4.22
CA THR A 167 -2.11 5.94 5.46
C THR A 167 -0.66 6.42 5.68
N LYS A 168 -0.23 6.35 6.94
CA LYS A 168 1.10 6.76 7.44
C LYS A 168 2.22 6.00 6.70
N GLY A 169 3.27 6.74 6.32
CA GLY A 169 4.47 6.24 5.63
C GLY A 169 4.33 6.18 4.11
N LYS A 170 3.19 6.57 3.56
CA LYS A 170 2.98 6.63 2.09
C LYS A 170 3.39 8.01 1.58
N SER A 171 3.92 8.04 0.37
CA SER A 171 4.19 9.30 -0.38
C SER A 171 3.88 9.10 -1.87
N ALA A 172 3.95 10.20 -2.61
CA ALA A 172 3.77 10.24 -4.07
C ALA A 172 4.60 11.38 -4.65
N ASP A 173 5.11 11.16 -5.87
CA ASP A 173 5.65 12.25 -6.71
C ASP A 173 4.60 13.37 -6.77
N PHE A 174 5.00 14.62 -6.54
CA PHE A 174 4.07 15.78 -6.55
C PHE A 174 4.81 17.01 -7.11
N THR A 175 4.83 17.11 -8.42
CA THR A 175 5.58 18.15 -9.18
C THR A 175 4.63 19.24 -9.71
N ASN A 176 5.25 20.40 -9.97
CA ASN A 176 4.62 21.58 -10.61
C ASN A 176 3.48 22.10 -9.75
N PHE A 177 3.55 21.96 -8.43
CA PHE A 177 2.54 22.59 -7.54
C PHE A 177 2.99 24.02 -7.20
N ASP A 178 2.10 24.97 -7.43
CA ASP A 178 2.32 26.43 -7.23
C ASP A 178 1.74 26.83 -5.88
N PRO A 179 2.60 27.05 -4.85
CA PRO A 179 2.12 27.45 -3.54
C PRO A 179 1.52 28.88 -3.50
N ARG A 180 1.71 29.69 -4.55
CA ARG A 180 1.05 31.03 -4.63
C ARG A 180 -0.46 30.84 -4.66
N GLY A 181 -0.95 29.72 -5.18
CA GLY A 181 -2.39 29.44 -5.28
C GLY A 181 -3.02 29.14 -3.92
N LEU A 182 -2.24 29.07 -2.85
CA LEU A 182 -2.77 28.90 -1.46
C LEU A 182 -2.76 30.20 -0.67
N LEU A 183 -2.37 31.33 -1.27
CA LEU A 183 -2.22 32.61 -0.53
C LEU A 183 -3.55 33.38 -0.53
N PRO A 184 -3.81 34.19 0.52
CA PRO A 184 -4.89 35.17 0.48
C PRO A 184 -4.45 36.39 -0.33
N GLU A 185 -5.29 37.42 -0.44
CA GLU A 185 -5.01 38.61 -1.27
C GLU A 185 -4.04 39.53 -0.50
N SER A 186 -4.28 39.76 0.79
CA SER A 186 -3.41 40.57 1.67
C SER A 186 -2.32 39.69 2.29
N LEU A 187 -1.11 40.22 2.39
CA LEU A 187 -0.02 39.61 3.18
C LEU A 187 0.17 40.37 4.49
N ASP A 188 -0.81 41.18 4.90
CA ASP A 188 -0.80 41.80 6.26
C ASP A 188 -0.70 40.66 7.28
N TYR A 189 0.10 40.83 8.32
CA TYR A 189 0.50 39.74 9.24
C TYR A 189 0.74 40.21 10.68
N TRP A 190 0.65 39.26 11.58
CA TRP A 190 1.18 39.30 12.96
C TRP A 190 2.50 38.50 12.99
N THR A 191 3.45 38.92 13.83
CA THR A 191 4.72 38.19 14.04
C THR A 191 5.06 38.15 15.54
N TYR A 192 5.66 37.03 15.96
CA TYR A 192 6.15 36.82 17.34
C TYR A 192 7.15 35.66 17.32
N PRO A 193 8.15 35.64 18.24
CA PRO A 193 9.08 34.52 18.33
C PRO A 193 8.39 33.33 19.00
N GLY A 194 8.56 32.13 18.44
CA GLY A 194 7.89 30.91 18.92
C GLY A 194 8.60 29.64 18.54
N SER A 195 7.83 28.56 18.45
CA SER A 195 8.36 27.18 18.34
C SER A 195 7.69 26.41 17.20
N LEU A 196 8.28 25.27 16.87
CA LEU A 196 7.57 24.15 16.23
C LEU A 196 6.33 23.81 17.09
N THR A 197 5.17 23.58 16.47
CA THR A 197 3.92 23.21 17.18
C THR A 197 3.79 21.68 17.32
N THR A 198 4.75 20.93 16.82
CA THR A 198 4.86 19.46 17.01
C THR A 198 6.24 19.16 17.56
N PRO A 199 6.40 18.07 18.35
CA PRO A 199 7.72 17.60 18.73
C PRO A 199 8.66 17.56 17.52
N PRO A 200 9.92 18.03 17.62
CA PRO A 200 10.55 18.39 18.89
C PRO A 200 10.31 19.80 19.51
N LEU A 201 9.36 20.60 19.00
CA LEU A 201 8.85 21.82 19.70
C LEU A 201 9.98 22.85 19.89
N LEU A 202 10.97 22.86 19.01
CA LEU A 202 12.20 23.68 19.17
C LEU A 202 11.83 25.16 19.01
N GLU A 203 12.44 26.01 19.83
CA GLU A 203 12.13 27.47 19.91
C GLU A 203 13.00 28.23 18.91
N CYS A 204 12.69 28.00 17.61
CA CYS A 204 13.56 28.40 16.48
C CYS A 204 12.77 29.17 15.43
N VAL A 205 11.53 29.54 15.73
CA VAL A 205 10.58 30.02 14.68
C VAL A 205 10.29 31.51 14.89
N THR A 206 10.49 32.30 13.84
CA THR A 206 9.77 33.57 13.64
C THR A 206 8.45 33.24 12.95
N TRP A 207 7.36 33.35 13.72
CA TRP A 207 5.98 33.14 13.23
C TRP A 207 5.52 34.40 12.49
N ILE A 208 4.98 34.17 11.29
CA ILE A 208 4.34 35.19 10.47
C ILE A 208 2.94 34.67 10.18
N VAL A 209 1.93 35.22 10.87
CA VAL A 209 0.52 34.72 10.76
C VAL A 209 -0.29 35.77 10.00
N LEU A 210 -0.88 35.39 8.87
CA LEU A 210 -1.61 36.33 8.00
C LEU A 210 -2.98 36.62 8.63
N LYS A 211 -3.34 37.90 8.56
CA LYS A 211 -4.66 38.46 8.96
C LYS A 211 -5.77 37.79 8.12
N GLU A 212 -5.56 37.66 6.81
CA GLU A 212 -6.64 37.29 5.85
C GLU A 212 -6.70 35.77 5.74
N PRO A 213 -7.78 35.11 6.18
CA PRO A 213 -7.96 33.69 5.89
C PRO A 213 -8.26 33.45 4.40
N ILE A 214 -8.00 32.23 3.95
CA ILE A 214 -8.44 31.70 2.64
C ILE A 214 -9.74 30.94 2.87
N SER A 215 -10.58 30.91 1.85
CA SER A 215 -11.77 30.04 1.81
C SER A 215 -11.36 28.73 1.16
N VAL A 216 -11.77 27.63 1.78
CA VAL A 216 -11.80 26.30 1.14
C VAL A 216 -13.25 25.83 1.16
N SER A 217 -13.60 24.91 0.27
CA SER A 217 -14.96 24.31 0.23
C SER A 217 -15.06 23.26 1.34
N SER A 218 -16.28 22.93 1.74
CA SER A 218 -16.50 21.85 2.73
C SER A 218 -16.07 20.50 2.11
N GLU A 219 -16.17 20.35 0.79
CA GLU A 219 -15.70 19.17 0.03
C GLU A 219 -14.18 19.07 0.15
N GLN A 220 -13.46 20.18 0.00
CA GLN A 220 -11.96 20.20 0.10
C GLN A 220 -11.56 19.82 1.54
N VAL A 221 -12.22 20.37 2.56
CA VAL A 221 -11.82 20.10 3.97
C VAL A 221 -12.24 18.68 4.35
N LEU A 222 -13.31 18.15 3.73
CA LEU A 222 -13.77 16.76 3.95
C LEU A 222 -12.69 15.76 3.54
N LYS A 223 -11.96 16.04 2.46
CA LYS A 223 -10.86 15.18 1.97
C LYS A 223 -9.76 15.09 3.01
N PHE A 224 -9.38 16.22 3.62
CA PHE A 224 -8.41 16.25 4.74
C PHE A 224 -8.85 15.23 5.81
N ARG A 225 -10.13 15.25 6.15
CA ARG A 225 -10.69 14.49 7.29
C ARG A 225 -10.77 12.99 6.95
N LYS A 226 -10.49 12.59 5.71
CA LYS A 226 -10.55 11.18 5.28
C LYS A 226 -9.14 10.54 5.25
N LEU A 227 -8.10 11.33 5.48
CA LEU A 227 -6.76 10.78 5.77
C LEU A 227 -6.80 9.96 7.05
N ASN A 228 -5.81 9.09 7.23
CA ASN A 228 -5.62 8.19 8.41
C ASN A 228 -4.29 8.50 9.13
N PHE A 229 -4.32 8.52 10.47
CA PHE A 229 -3.13 8.52 11.36
C PHE A 229 -2.40 7.17 11.27
N ASN A 230 -3.15 6.10 11.13
CA ASN A 230 -2.66 4.69 11.20
C ASN A 230 -1.93 4.30 9.91
N GLY A 231 -1.14 3.23 9.97
CA GLY A 231 -0.54 2.59 8.79
C GLY A 231 -1.53 1.65 8.08
N GLU A 232 -1.26 1.33 6.82
CA GLU A 232 -2.07 0.39 6.03
C GLU A 232 -2.07 -0.96 6.76
N GLY A 233 -3.24 -1.59 6.91
CA GLY A 233 -3.38 -2.87 7.63
C GLY A 233 -3.72 -2.71 9.11
N GLU A 234 -3.66 -1.51 9.66
CA GLU A 234 -4.10 -1.22 11.06
C GLU A 234 -5.55 -0.71 11.05
N PRO A 235 -6.27 -0.80 12.19
CA PRO A 235 -7.59 -0.18 12.30
C PRO A 235 -7.51 1.32 12.01
N GLU A 236 -8.52 1.82 11.29
CA GLU A 236 -8.68 3.22 10.88
C GLU A 236 -8.75 4.09 12.13
N GLU A 237 -7.88 5.11 12.20
CA GLU A 237 -7.99 6.30 13.08
C GLU A 237 -7.97 7.52 12.14
N LEU A 238 -9.10 8.20 11.96
CA LEU A 238 -9.21 9.40 11.10
C LEU A 238 -8.19 10.45 11.56
N MET A 239 -7.43 10.97 10.60
CA MET A 239 -6.52 12.13 10.81
C MET A 239 -7.37 13.42 10.88
N VAL A 240 -7.78 13.76 12.11
CA VAL A 240 -8.57 14.98 12.47
C VAL A 240 -8.05 15.49 13.84
N ASP A 241 -8.30 16.76 14.13
CA ASP A 241 -7.89 17.43 15.39
C ASP A 241 -6.36 17.24 15.61
N ASN A 242 -5.57 17.43 14.55
CA ASN A 242 -4.09 17.31 14.60
C ASN A 242 -3.50 18.70 14.88
N TRP A 243 -4.06 19.40 15.87
CA TRP A 243 -3.68 20.81 16.25
C TRP A 243 -3.36 20.83 17.75
N ARG A 244 -2.35 21.62 18.09
CA ARG A 244 -1.95 21.96 19.48
C ARG A 244 -2.68 23.25 19.88
N PRO A 245 -3.33 23.29 21.07
CA PRO A 245 -4.02 24.50 21.51
C PRO A 245 -3.04 25.64 21.82
N ALA A 246 -3.60 26.84 22.06
CA ALA A 246 -2.84 28.06 22.41
C ALA A 246 -1.98 27.78 23.65
N GLN A 247 -0.70 28.17 23.61
CA GLN A 247 0.27 28.06 24.72
C GLN A 247 0.44 29.43 25.37
N PRO A 248 0.97 29.50 26.61
CA PRO A 248 1.12 30.78 27.31
C PRO A 248 2.05 31.72 26.54
N LEU A 249 1.57 32.95 26.35
CA LEU A 249 2.33 34.03 25.66
C LEU A 249 3.59 34.37 26.49
N LYS A 250 3.49 34.21 27.80
CA LYS A 250 4.60 34.48 28.74
C LYS A 250 5.05 35.91 28.47
N ASN A 251 6.28 36.14 28.04
CA ASN A 251 6.69 37.57 28.03
C ASN A 251 6.58 38.17 26.62
N ARG A 252 6.03 37.47 25.64
CA ARG A 252 6.35 37.81 24.24
C ARG A 252 5.46 38.94 23.71
N GLN A 253 6.03 39.66 22.76
CA GLN A 253 5.37 40.77 22.05
C GLN A 253 4.90 40.23 20.68
N ILE A 254 3.61 40.32 20.41
CA ILE A 254 3.02 40.08 19.06
C ILE A 254 2.89 41.45 18.39
N LYS A 255 3.53 41.60 17.23
CA LYS A 255 3.52 42.85 16.42
C LYS A 255 2.64 42.67 15.19
N ALA A 256 1.87 43.71 14.84
CA ALA A 256 1.02 43.75 13.64
C ALA A 256 1.73 44.57 12.57
N SER A 257 1.65 44.10 11.32
CA SER A 257 2.22 44.78 10.14
C SER A 257 1.26 45.86 9.63
N PHE A 258 0.07 46.02 10.25
CA PHE A 258 -1.07 46.81 9.69
C PHE A 258 -1.82 47.55 10.81
N LYS A 259 -2.60 48.60 10.51
CA LYS A 259 -3.25 49.51 11.51
C LYS A 259 -4.59 48.95 12.00
N HIS B 3 -18.16 -2.57 -13.85
CA HIS B 3 -18.18 -3.84 -13.05
C HIS B 3 -19.39 -3.83 -12.09
N TRP B 4 -20.11 -4.97 -12.00
CA TRP B 4 -21.27 -5.13 -11.09
C TRP B 4 -20.86 -4.89 -9.64
N GLY B 5 -21.80 -4.44 -8.83
CA GLY B 5 -21.60 -4.34 -7.37
C GLY B 5 -22.92 -4.22 -6.64
N TYR B 6 -22.96 -3.34 -5.63
CA TYR B 6 -24.15 -3.18 -4.77
C TYR B 6 -24.57 -1.71 -4.69
N GLY B 7 -24.08 -0.87 -5.61
CA GLY B 7 -24.35 0.59 -5.62
C GLY B 7 -25.61 0.96 -6.39
N LYS B 8 -25.86 2.26 -6.49
CA LYS B 8 -27.07 2.86 -7.13
C LYS B 8 -27.21 2.35 -8.58
N HIS B 9 -26.10 2.26 -9.32
CA HIS B 9 -26.13 2.07 -10.80
C HIS B 9 -25.68 0.66 -11.20
N ASN B 10 -25.03 -0.11 -10.32
CA ASN B 10 -24.43 -1.42 -10.68
C ASN B 10 -24.95 -2.54 -9.76
N GLY B 11 -26.01 -2.29 -8.97
CA GLY B 11 -26.49 -3.20 -7.93
C GLY B 11 -27.52 -4.21 -8.44
N PRO B 12 -28.09 -5.05 -7.54
CA PRO B 12 -29.01 -6.13 -7.92
C PRO B 12 -30.12 -5.74 -8.90
N GLU B 13 -30.74 -4.56 -8.72
CA GLU B 13 -31.81 -4.03 -9.61
C GLU B 13 -31.30 -3.91 -11.06
N HIS B 14 -30.00 -3.68 -11.27
CA HIS B 14 -29.38 -3.43 -12.60
C HIS B 14 -28.74 -4.69 -13.20
N TRP B 15 -28.46 -5.73 -12.41
CA TRP B 15 -27.68 -6.90 -12.88
C TRP B 15 -28.32 -7.51 -14.14
N HIS B 16 -29.65 -7.54 -14.24
CA HIS B 16 -30.38 -8.19 -15.37
C HIS B 16 -29.91 -7.63 -16.71
N LYS B 17 -29.47 -6.36 -16.76
CA LYS B 17 -29.08 -5.64 -18.01
C LYS B 17 -27.83 -6.32 -18.61
N ASP B 18 -26.95 -6.83 -17.75
CA ASP B 18 -25.63 -7.39 -18.15
C ASP B 18 -25.68 -8.93 -18.08
N PHE B 19 -26.52 -9.49 -17.21
CA PHE B 19 -26.56 -10.94 -16.87
C PHE B 19 -27.99 -11.41 -17.01
N PRO B 20 -28.40 -11.86 -18.22
CA PRO B 20 -29.80 -12.18 -18.49
C PRO B 20 -30.38 -13.23 -17.54
N ILE B 21 -29.57 -14.14 -17.02
CA ILE B 21 -30.07 -15.24 -16.15
C ILE B 21 -30.58 -14.67 -14.83
N ALA B 22 -30.32 -13.40 -14.52
CA ALA B 22 -30.80 -12.73 -13.30
C ALA B 22 -32.33 -12.83 -13.19
N LYS B 23 -33.01 -13.02 -14.32
CA LYS B 23 -34.50 -13.14 -14.36
C LYS B 23 -34.88 -14.58 -14.68
N GLY B 24 -34.00 -15.53 -14.44
CA GLY B 24 -34.27 -16.96 -14.69
C GLY B 24 -35.31 -17.53 -13.73
N GLU B 25 -35.61 -18.81 -13.90
CA GLU B 25 -36.68 -19.56 -13.19
C GLU B 25 -36.24 -20.04 -11.79
N ARG B 26 -34.96 -19.97 -11.44
CA ARG B 26 -34.44 -20.56 -10.16
C ARG B 26 -33.42 -19.60 -9.52
N GLN B 27 -33.82 -18.37 -9.28
CA GLN B 27 -32.88 -17.34 -8.74
C GLN B 27 -32.90 -17.37 -7.22
N SER B 28 -31.74 -17.07 -6.62
CA SER B 28 -31.54 -17.01 -5.16
C SER B 28 -31.03 -15.62 -4.80
N PRO B 29 -31.28 -15.14 -3.56
CA PRO B 29 -31.97 -15.94 -2.54
C PRO B 29 -33.50 -15.87 -2.68
N VAL B 30 -34.20 -16.48 -1.72
CA VAL B 30 -35.69 -16.47 -1.62
C VAL B 30 -36.10 -16.24 -0.16
N ASP B 31 -37.33 -15.78 0.02
CA ASP B 31 -38.01 -15.77 1.33
C ASP B 31 -38.48 -17.19 1.64
N ILE B 32 -38.21 -17.67 2.84
CA ILE B 32 -38.66 -19.01 3.31
C ILE B 32 -39.86 -18.79 4.23
N ASP B 33 -41.08 -18.99 3.72
CA ASP B 33 -42.32 -18.95 4.53
C ASP B 33 -42.47 -20.31 5.21
N THR B 34 -42.47 -20.34 6.53
CA THR B 34 -42.50 -21.58 7.34
C THR B 34 -43.87 -22.24 7.25
N HIS B 35 -44.90 -21.55 6.72
CA HIS B 35 -46.28 -22.08 6.48
C HIS B 35 -46.28 -23.03 5.28
N THR B 36 -45.45 -22.76 4.26
CA THR B 36 -45.44 -23.46 2.94
C THR B 36 -44.16 -24.29 2.75
N ALA B 37 -43.08 -23.97 3.45
CA ALA B 37 -41.84 -24.77 3.42
C ALA B 37 -42.04 -26.00 4.31
N LYS B 38 -42.74 -27.03 3.82
CA LYS B 38 -43.28 -28.16 4.63
C LYS B 38 -42.19 -29.18 5.00
N TYR B 39 -42.34 -29.82 6.16
CA TYR B 39 -41.53 -30.98 6.59
C TYR B 39 -41.57 -32.05 5.50
N ASP B 40 -40.40 -32.60 5.12
CA ASP B 40 -40.30 -33.73 4.17
C ASP B 40 -39.64 -34.92 4.87
N PRO B 41 -40.42 -35.94 5.30
CA PRO B 41 -39.84 -37.09 6.01
C PRO B 41 -38.88 -37.92 5.13
N SER B 42 -38.92 -37.75 3.80
CA SER B 42 -38.09 -38.51 2.84
C SER B 42 -36.67 -37.92 2.77
N LEU B 43 -36.42 -36.71 3.30
CA LEU B 43 -35.05 -36.09 3.31
C LEU B 43 -34.15 -36.91 4.23
N LYS B 44 -33.09 -37.52 3.67
CA LYS B 44 -32.01 -38.24 4.42
C LYS B 44 -31.26 -37.26 5.34
N PRO B 45 -30.64 -37.77 6.44
CA PRO B 45 -29.95 -36.88 7.38
C PRO B 45 -28.80 -36.16 6.66
N LEU B 46 -28.48 -34.91 7.04
CA LEU B 46 -27.35 -34.17 6.41
C LEU B 46 -26.03 -34.63 7.06
N SER B 47 -24.99 -34.88 6.28
CA SER B 47 -23.65 -35.27 6.79
C SER B 47 -22.62 -34.17 6.50
N VAL B 48 -22.19 -33.46 7.54
CA VAL B 48 -21.09 -32.44 7.45
C VAL B 48 -19.82 -33.10 7.95
N SER B 49 -18.80 -33.19 7.12
CA SER B 49 -17.49 -33.81 7.48
C SER B 49 -16.38 -32.78 7.31
N TYR B 50 -16.15 -31.95 8.33
CA TYR B 50 -15.19 -30.80 8.27
C TYR B 50 -13.95 -31.04 9.13
N ASP B 51 -13.80 -32.23 9.73
CA ASP B 51 -12.71 -32.54 10.69
C ASP B 51 -11.36 -32.17 10.08
N GLN B 52 -11.13 -32.51 8.82
CA GLN B 52 -9.81 -32.34 8.18
C GLN B 52 -9.76 -31.09 7.27
N ALA B 53 -10.68 -30.15 7.39
CA ALA B 53 -10.69 -28.88 6.61
C ALA B 53 -9.31 -28.22 6.69
N THR B 54 -8.72 -27.87 5.55
CA THR B 54 -7.41 -27.17 5.44
C THR B 54 -7.65 -25.78 4.83
N SER B 55 -7.77 -24.76 5.67
CA SER B 55 -7.90 -23.35 5.21
C SER B 55 -6.54 -22.94 4.62
N LEU B 56 -6.54 -22.11 3.56
CA LEU B 56 -5.30 -21.69 2.85
C LEU B 56 -5.11 -20.18 3.00
N ARG B 57 -6.12 -19.40 2.63
CA ARG B 57 -5.95 -17.92 2.51
CA ARG B 57 -5.94 -17.92 2.53
C ARG B 57 -7.31 -17.24 2.67
N ILE B 58 -7.25 -15.96 2.97
CA ILE B 58 -8.42 -15.05 3.04
C ILE B 58 -8.16 -13.89 2.09
N LEU B 59 -9.18 -13.46 1.37
CA LEU B 59 -9.01 -12.35 0.38
C LEU B 59 -10.27 -11.50 0.31
N ASN B 60 -10.03 -10.21 0.07
CA ASN B 60 -11.04 -9.19 -0.28
C ASN B 60 -11.11 -9.17 -1.81
N ASN B 61 -12.23 -9.62 -2.38
CA ASN B 61 -12.41 -9.67 -3.85
C ASN B 61 -13.21 -8.46 -4.33
N GLY B 62 -13.49 -7.48 -3.47
CA GLY B 62 -14.28 -6.28 -3.85
C GLY B 62 -15.78 -6.45 -3.71
N HIS B 63 -16.24 -7.63 -3.34
CA HIS B 63 -17.68 -7.97 -3.12
C HIS B 63 -17.91 -8.46 -1.70
N ALA B 64 -17.05 -9.37 -1.26
CA ALA B 64 -17.00 -9.90 0.13
C ALA B 64 -15.54 -10.27 0.43
N PHE B 65 -15.32 -11.05 1.48
CA PHE B 65 -14.04 -11.74 1.74
C PHE B 65 -14.29 -13.26 1.76
N ASN B 66 -13.41 -13.98 1.09
CA ASN B 66 -13.43 -15.44 0.88
C ASN B 66 -12.30 -16.05 1.69
N VAL B 67 -12.63 -17.05 2.49
CA VAL B 67 -11.66 -17.99 3.11
C VAL B 67 -11.65 -19.20 2.17
N GLU B 68 -10.49 -19.48 1.59
CA GLU B 68 -10.32 -20.55 0.58
C GLU B 68 -9.72 -21.77 1.26
N PHE B 69 -10.13 -22.94 0.80
CA PHE B 69 -9.78 -24.26 1.37
C PHE B 69 -9.08 -25.10 0.32
N ASP B 70 -8.18 -25.97 0.76
CA ASP B 70 -7.63 -27.05 -0.09
C ASP B 70 -8.77 -28.05 -0.38
N ASP B 71 -9.14 -28.12 -1.65
CA ASP B 71 -10.26 -28.95 -2.17
C ASP B 71 -9.69 -30.00 -3.13
N SER B 72 -8.40 -30.33 -3.04
CA SER B 72 -7.77 -31.39 -3.88
C SER B 72 -8.17 -32.79 -3.39
N GLN B 73 -8.75 -32.91 -2.19
CA GLN B 73 -9.19 -34.19 -1.58
C GLN B 73 -10.51 -33.97 -0.83
N ASP B 74 -11.10 -35.08 -0.35
CA ASP B 74 -12.36 -35.11 0.42
C ASP B 74 -12.10 -34.82 1.90
N LYS B 75 -11.39 -33.74 2.22
CA LYS B 75 -11.03 -33.31 3.60
C LYS B 75 -12.18 -32.54 4.27
N ALA B 76 -13.03 -31.89 3.49
CA ALA B 76 -14.15 -31.09 4.01
C ALA B 76 -15.29 -31.22 3.01
N VAL B 77 -16.27 -32.05 3.35
CA VAL B 77 -17.33 -32.47 2.40
C VAL B 77 -18.70 -32.41 3.05
N LEU B 78 -19.67 -32.21 2.17
CA LEU B 78 -21.11 -32.28 2.45
C LEU B 78 -21.62 -33.52 1.73
N LYS B 79 -22.35 -34.38 2.44
CA LYS B 79 -23.05 -35.55 1.88
C LYS B 79 -24.43 -35.67 2.52
N GLY B 80 -25.28 -36.53 1.91
CA GLY B 80 -26.65 -36.79 2.35
C GLY B 80 -27.53 -35.57 2.22
N GLY B 81 -28.52 -35.44 3.09
CA GLY B 81 -29.61 -34.45 2.96
C GLY B 81 -30.20 -34.60 1.57
N PRO B 82 -30.38 -33.50 0.82
CA PRO B 82 -30.90 -33.61 -0.55
C PRO B 82 -29.84 -33.98 -1.60
N LEU B 83 -28.58 -34.17 -1.22
CA LEU B 83 -27.45 -34.29 -2.19
C LEU B 83 -27.25 -35.75 -2.63
N ASP B 84 -27.08 -35.98 -3.92
CA ASP B 84 -26.44 -37.20 -4.48
C ASP B 84 -24.95 -36.90 -4.64
N GLY B 85 -24.07 -37.66 -3.99
CA GLY B 85 -22.62 -37.60 -4.23
C GLY B 85 -21.89 -36.76 -3.22
N THR B 86 -20.65 -36.41 -3.50
CA THR B 86 -19.73 -35.73 -2.55
C THR B 86 -19.47 -34.32 -3.05
N TYR B 87 -19.65 -33.34 -2.17
CA TYR B 87 -19.49 -31.89 -2.44
C TYR B 87 -18.35 -31.35 -1.57
N ARG B 88 -17.25 -30.92 -2.21
CA ARG B 88 -16.02 -30.44 -1.52
C ARG B 88 -16.13 -28.94 -1.25
N LEU B 89 -15.87 -28.57 0.01
CA LEU B 89 -15.75 -27.17 0.45
C LEU B 89 -14.61 -26.48 -0.33
N ILE B 90 -14.93 -25.41 -1.05
CA ILE B 90 -13.92 -24.57 -1.78
C ILE B 90 -13.69 -23.24 -1.03
N GLN B 91 -14.74 -22.60 -0.54
CA GLN B 91 -14.60 -21.32 0.19
C GLN B 91 -15.87 -21.07 1.01
N PHE B 92 -15.74 -20.21 2.02
CA PHE B 92 -16.87 -19.53 2.69
C PHE B 92 -16.68 -18.02 2.59
N HIS B 93 -17.81 -17.32 2.70
CA HIS B 93 -17.87 -15.84 2.70
C HIS B 93 -19.15 -15.45 3.42
N PHE B 94 -19.30 -14.17 3.73
CA PHE B 94 -20.51 -13.62 4.37
C PHE B 94 -21.11 -12.57 3.43
N HIS B 95 -22.39 -12.29 3.67
CA HIS B 95 -23.11 -11.05 3.25
C HIS B 95 -23.61 -10.38 4.52
N TRP B 96 -23.53 -9.06 4.63
CA TRP B 96 -23.92 -8.32 5.85
C TRP B 96 -24.44 -6.92 5.53
N GLY B 97 -25.06 -6.29 6.53
CA GLY B 97 -25.70 -4.98 6.37
C GLY B 97 -24.87 -3.87 6.96
N SER B 98 -25.37 -2.65 6.73
CA SER B 98 -24.89 -1.40 7.35
C SER B 98 -25.48 -1.26 8.77
N LEU B 99 -26.61 -1.92 9.07
CA LEU B 99 -27.30 -1.97 10.39
C LEU B 99 -27.71 -3.41 10.69
N ASP B 100 -27.92 -3.71 11.97
CA ASP B 100 -28.27 -5.07 12.49
C ASP B 100 -29.57 -5.59 11.87
N GLY B 101 -30.49 -4.71 11.50
CA GLY B 101 -31.82 -5.07 10.97
C GLY B 101 -31.81 -5.56 9.55
N GLN B 102 -30.66 -5.61 8.88
CA GLN B 102 -30.54 -6.09 7.48
C GLN B 102 -29.15 -6.68 7.23
N GLY B 103 -29.00 -7.42 6.13
CA GLY B 103 -27.74 -8.08 5.77
C GLY B 103 -27.91 -9.45 5.16
N SER B 104 -28.84 -10.27 5.65
CA SER B 104 -29.06 -11.64 5.14
C SER B 104 -29.63 -11.56 3.70
N GLU B 105 -29.32 -12.56 2.89
CA GLU B 105 -29.87 -12.73 1.52
C GLU B 105 -31.22 -13.47 1.65
N HIS B 106 -31.18 -14.73 2.11
CA HIS B 106 -32.42 -15.44 2.51
C HIS B 106 -33.06 -14.68 3.67
N THR B 107 -34.38 -14.83 3.76
CA THR B 107 -35.24 -14.32 4.84
C THR B 107 -36.11 -15.49 5.30
N VAL B 108 -36.55 -15.44 6.57
CA VAL B 108 -37.45 -16.46 7.15
C VAL B 108 -38.69 -15.70 7.60
N ASP B 109 -39.82 -15.97 6.96
CA ASP B 109 -41.09 -15.24 7.20
C ASP B 109 -40.79 -13.72 7.08
N LYS B 110 -39.98 -13.33 6.09
CA LYS B 110 -39.59 -11.92 5.76
C LYS B 110 -38.60 -11.32 6.77
N LYS B 111 -38.24 -12.04 7.83
CA LYS B 111 -37.22 -11.56 8.79
C LYS B 111 -35.85 -11.56 8.10
N LYS B 112 -35.21 -10.38 8.07
CA LYS B 112 -33.80 -10.23 7.64
C LYS B 112 -32.89 -10.37 8.88
N TYR B 113 -31.82 -11.14 8.74
CA TYR B 113 -30.77 -11.25 9.77
C TYR B 113 -29.66 -10.25 9.46
N ALA B 114 -28.78 -10.03 10.44
CA ALA B 114 -27.62 -9.10 10.41
C ALA B 114 -26.63 -9.47 9.30
N ALA B 115 -26.50 -10.76 9.03
CA ALA B 115 -25.57 -11.31 8.02
C ALA B 115 -25.94 -12.75 7.71
N GLU B 116 -25.29 -13.30 6.70
CA GLU B 116 -25.48 -14.70 6.24
C GLU B 116 -24.13 -15.23 5.82
N LEU B 117 -23.77 -16.38 6.36
CA LEU B 117 -22.56 -17.15 6.01
C LEU B 117 -22.91 -18.19 4.93
N HIS B 118 -22.09 -18.26 3.88
CA HIS B 118 -22.22 -19.20 2.73
C HIS B 118 -20.97 -20.09 2.69
N LEU B 119 -21.10 -21.36 3.07
CA LEU B 119 -20.07 -22.40 2.82
C LEU B 119 -20.36 -23.05 1.45
N VAL B 120 -19.43 -22.88 0.51
CA VAL B 120 -19.60 -23.19 -0.93
C VAL B 120 -18.88 -24.50 -1.21
N HIS B 121 -19.61 -25.47 -1.77
CA HIS B 121 -19.11 -26.83 -2.10
C HIS B 121 -19.47 -27.14 -3.53
N TRP B 122 -18.65 -27.96 -4.19
CA TRP B 122 -18.92 -28.38 -5.59
C TRP B 122 -18.84 -29.90 -5.70
N ASN B 123 -19.68 -30.44 -6.60
CA ASN B 123 -19.87 -31.89 -6.84
C ASN B 123 -18.62 -32.45 -7.52
N THR B 124 -17.95 -33.41 -6.90
CA THR B 124 -16.64 -33.96 -7.37
C THR B 124 -16.87 -34.74 -8.66
N LYS B 125 -18.11 -35.11 -8.95
CA LYS B 125 -18.53 -35.76 -10.20
C LYS B 125 -18.06 -34.93 -11.41
N TYR B 126 -17.87 -33.62 -11.29
CA TYR B 126 -17.63 -32.77 -12.46
C TYR B 126 -16.15 -32.35 -12.63
N GLY B 127 -15.23 -32.74 -11.75
CA GLY B 127 -13.79 -32.60 -12.07
C GLY B 127 -13.22 -31.24 -11.66
N ASP B 128 -13.87 -30.11 -11.98
CA ASP B 128 -13.49 -28.79 -11.41
C ASP B 128 -14.74 -27.93 -11.15
N PHE B 129 -14.52 -26.81 -10.44
CA PHE B 129 -15.59 -25.85 -10.05
C PHE B 129 -16.24 -25.24 -11.30
N GLY B 130 -15.42 -24.85 -12.29
CA GLY B 130 -15.88 -24.19 -13.53
C GLY B 130 -16.88 -25.05 -14.31
N LYS B 131 -16.72 -26.37 -14.25
CA LYS B 131 -17.60 -27.33 -14.94
C LYS B 131 -18.83 -27.57 -14.07
N ALA B 132 -18.65 -27.60 -12.74
CA ALA B 132 -19.73 -27.84 -11.77
C ALA B 132 -20.79 -26.73 -11.89
N VAL B 133 -20.40 -25.48 -12.13
CA VAL B 133 -21.36 -24.35 -12.13
C VAL B 133 -22.27 -24.43 -13.38
N GLN B 134 -21.95 -25.30 -14.34
CA GLN B 134 -22.76 -25.46 -15.58
C GLN B 134 -23.84 -26.54 -15.40
N GLN B 135 -23.95 -27.13 -14.22
CA GLN B 135 -24.85 -28.28 -13.95
C GLN B 135 -25.85 -27.94 -12.85
N PRO B 136 -27.12 -28.35 -12.98
CA PRO B 136 -28.12 -28.05 -11.95
C PRO B 136 -27.75 -28.57 -10.56
N ASP B 137 -26.99 -29.68 -10.50
CA ASP B 137 -26.59 -30.37 -9.25
C ASP B 137 -25.11 -30.11 -8.95
N GLY B 138 -24.55 -29.03 -9.51
CA GLY B 138 -23.10 -28.77 -9.48
C GLY B 138 -22.60 -28.32 -8.12
N LEU B 139 -23.39 -27.50 -7.42
CA LEU B 139 -22.96 -26.81 -6.18
C LEU B 139 -23.95 -27.11 -5.06
N ALA B 140 -23.45 -27.07 -3.84
CA ALA B 140 -24.26 -27.09 -2.61
C ALA B 140 -23.75 -25.97 -1.71
N VAL B 141 -24.62 -25.00 -1.42
CA VAL B 141 -24.24 -23.89 -0.50
C VAL B 141 -25.01 -24.06 0.80
N LEU B 142 -24.26 -24.25 1.88
CA LEU B 142 -24.75 -24.24 3.27
C LEU B 142 -24.81 -22.78 3.73
N GLY B 143 -26.04 -22.30 3.95
CA GLY B 143 -26.34 -20.91 4.39
C GLY B 143 -26.66 -20.90 5.86
N ILE B 144 -25.98 -20.04 6.62
CA ILE B 144 -26.20 -19.89 8.09
C ILE B 144 -26.42 -18.41 8.41
N PHE B 145 -27.52 -18.11 9.09
CA PHE B 145 -27.91 -16.75 9.52
C PHE B 145 -27.04 -16.28 10.69
N LEU B 146 -26.70 -14.99 10.72
CA LEU B 146 -26.02 -14.32 11.86
C LEU B 146 -26.96 -13.29 12.50
N LYS B 147 -27.12 -13.37 13.82
CA LYS B 147 -27.81 -12.34 14.62
C LYS B 147 -26.81 -11.81 15.65
N VAL B 148 -27.07 -10.61 16.16
CA VAL B 148 -26.18 -9.93 17.13
C VAL B 148 -26.59 -10.33 18.56
N GLY B 149 -25.65 -10.96 19.27
CA GLY B 149 -25.78 -11.26 20.71
C GLY B 149 -24.41 -11.47 21.30
N SER B 150 -24.21 -12.64 21.89
CA SER B 150 -22.90 -13.16 22.36
C SER B 150 -21.93 -13.28 21.18
N ALA B 151 -20.64 -13.06 21.46
CA ALA B 151 -19.52 -13.34 20.55
C ALA B 151 -19.57 -14.80 20.10
N LYS B 152 -19.29 -15.06 18.81
CA LYS B 152 -19.02 -16.43 18.29
C LYS B 152 -17.51 -16.65 18.42
N PRO B 153 -17.04 -17.48 19.38
CA PRO B 153 -15.61 -17.75 19.53
C PRO B 153 -14.91 -18.18 18.24
N GLY B 154 -15.55 -19.08 17.48
CA GLY B 154 -15.02 -19.63 16.21
C GLY B 154 -14.84 -18.57 15.13
N LEU B 155 -15.47 -17.38 15.26
CA LEU B 155 -15.35 -16.27 14.27
C LEU B 155 -14.15 -15.36 14.56
N GLN B 156 -13.60 -15.40 15.79
CA GLN B 156 -12.63 -14.37 16.27
C GLN B 156 -11.37 -14.37 15.36
N LYS B 157 -10.92 -15.52 14.90
CA LYS B 157 -9.68 -15.66 14.10
C LYS B 157 -9.87 -14.97 12.74
N VAL B 158 -11.11 -14.97 12.20
CA VAL B 158 -11.47 -14.27 10.94
C VAL B 158 -11.44 -12.76 11.20
N VAL B 159 -12.20 -12.31 12.18
CA VAL B 159 -12.34 -10.88 12.53
C VAL B 159 -10.96 -10.25 12.76
N ASP B 160 -10.04 -10.98 13.41
CA ASP B 160 -8.72 -10.46 13.84
C ASP B 160 -7.83 -10.18 12.62
N VAL B 161 -8.11 -10.75 11.44
CA VAL B 161 -7.22 -10.60 10.25
C VAL B 161 -7.82 -9.59 9.24
N LEU B 162 -9.02 -9.07 9.47
CA LEU B 162 -9.76 -8.27 8.45
C LEU B 162 -9.11 -6.91 8.17
N ASP B 163 -8.47 -6.30 9.15
CA ASP B 163 -7.70 -5.04 8.90
C ASP B 163 -6.57 -5.28 7.88
N SER B 164 -6.01 -6.49 7.79
CA SER B 164 -4.88 -6.83 6.88
C SER B 164 -5.38 -7.03 5.43
N ILE B 165 -6.70 -7.21 5.22
CA ILE B 165 -7.30 -7.30 3.86
C ILE B 165 -8.40 -6.25 3.65
N LYS B 166 -8.18 -5.02 4.13
CA LYS B 166 -9.19 -3.93 4.13
C LYS B 166 -9.66 -3.57 2.70
N THR B 167 -8.77 -3.56 1.70
CA THR B 167 -9.09 -3.11 0.31
C THR B 167 -9.10 -4.29 -0.68
N LYS B 168 -9.79 -4.09 -1.81
CA LYS B 168 -9.99 -5.06 -2.92
C LYS B 168 -8.65 -5.53 -3.46
N GLY B 169 -8.49 -6.85 -3.62
CA GLY B 169 -7.26 -7.50 -4.09
C GLY B 169 -6.34 -7.92 -2.97
N LYS B 170 -6.49 -7.37 -1.76
CA LYS B 170 -5.68 -7.78 -0.59
C LYS B 170 -5.98 -9.23 -0.22
N SER B 171 -4.95 -9.98 0.15
CA SER B 171 -5.10 -11.33 0.74
C SER B 171 -4.05 -11.55 1.84
N ALA B 172 -4.22 -12.64 2.57
CA ALA B 172 -3.30 -13.08 3.64
C ALA B 172 -3.36 -14.60 3.78
N ASP B 173 -2.24 -15.19 4.14
CA ASP B 173 -2.15 -16.60 4.58
C ASP B 173 -3.20 -16.77 5.69
N PHE B 174 -3.97 -17.85 5.63
CA PHE B 174 -5.03 -18.11 6.64
C PHE B 174 -5.17 -19.61 6.87
N THR B 175 -4.29 -20.13 7.70
CA THR B 175 -4.14 -21.60 7.91
C THR B 175 -4.75 -22.03 9.25
N ASN B 176 -5.11 -23.31 9.32
CA ASN B 176 -5.62 -23.98 10.54
C ASN B 176 -6.89 -23.28 11.04
N PHE B 177 -7.71 -22.79 10.12
CA PHE B 177 -9.05 -22.27 10.52
C PHE B 177 -10.04 -23.44 10.44
N ASP B 178 -10.75 -23.66 11.55
CA ASP B 178 -11.77 -24.73 11.72
C ASP B 178 -13.15 -24.14 11.44
N PRO B 179 -13.76 -24.47 10.27
CA PRO B 179 -15.08 -23.97 9.93
C PRO B 179 -16.19 -24.58 10.80
N ARG B 180 -15.91 -25.66 11.55
CA ARG B 180 -16.91 -26.21 12.51
C ARG B 180 -17.22 -25.15 13.59
N GLY B 181 -16.28 -24.26 13.88
CA GLY B 181 -16.46 -23.17 14.86
C GLY B 181 -17.47 -22.13 14.42
N LEU B 182 -17.95 -22.20 13.19
CA LEU B 182 -18.99 -21.27 12.65
C LEU B 182 -20.37 -21.92 12.62
N LEU B 183 -20.53 -23.17 13.04
CA LEU B 183 -21.81 -23.89 12.92
C LEU B 183 -22.72 -23.60 14.12
N PRO B 184 -24.06 -23.65 13.95
CA PRO B 184 -24.99 -23.62 15.07
C PRO B 184 -25.05 -25.02 15.69
N GLU B 185 -25.91 -25.23 16.68
CA GLU B 185 -26.03 -26.52 17.40
C GLU B 185 -26.83 -27.49 16.53
N SER B 186 -27.95 -27.06 15.97
CA SER B 186 -28.78 -27.90 15.08
C SER B 186 -28.31 -27.76 13.62
N LEU B 187 -28.31 -28.86 12.87
CA LEU B 187 -28.15 -28.87 11.39
C LEU B 187 -29.53 -29.06 10.72
N ASP B 188 -30.62 -28.83 11.44
CA ASP B 188 -31.97 -28.79 10.82
C ASP B 188 -31.92 -27.70 9.74
N TYR B 189 -32.53 -27.95 8.59
CA TYR B 189 -32.37 -27.12 7.37
C TYR B 189 -33.62 -27.09 6.49
N TRP B 190 -33.67 -26.05 5.68
CA TRP B 190 -34.53 -25.91 4.48
C TRP B 190 -33.66 -26.14 3.25
N THR B 191 -34.23 -26.68 2.17
CA THR B 191 -33.52 -26.89 0.89
C THR B 191 -34.46 -26.54 -0.28
N TYR B 192 -33.88 -26.01 -1.34
CA TYR B 192 -34.60 -25.65 -2.60
C TYR B 192 -33.56 -25.47 -3.71
N PRO B 193 -33.92 -25.72 -5.00
CA PRO B 193 -32.98 -25.50 -6.11
C PRO B 193 -32.88 -24.00 -6.40
N GLY B 194 -31.67 -23.49 -6.57
CA GLY B 194 -31.46 -22.04 -6.80
C GLY B 194 -30.17 -21.73 -7.51
N SER B 195 -29.65 -20.54 -7.29
CA SER B 195 -28.55 -19.94 -8.05
C SER B 195 -27.46 -19.41 -7.14
N LEU B 196 -26.32 -19.07 -7.74
CA LEU B 196 -25.39 -18.05 -7.20
C LEU B 196 -26.17 -16.76 -6.93
N THR B 197 -25.93 -16.11 -5.80
CA THR B 197 -26.56 -14.83 -5.43
C THR B 197 -25.79 -13.62 -5.97
N THR B 198 -24.68 -13.85 -6.66
CA THR B 198 -23.84 -12.82 -7.31
C THR B 198 -23.65 -13.24 -8.75
N PRO B 199 -23.48 -12.29 -9.70
CA PRO B 199 -23.07 -12.62 -11.06
C PRO B 199 -21.90 -13.60 -11.04
N PRO B 200 -21.88 -14.69 -11.83
CA PRO B 200 -22.84 -14.92 -12.92
C PRO B 200 -24.22 -15.52 -12.64
N LEU B 201 -24.64 -15.66 -11.37
CA LEU B 201 -26.05 -15.98 -11.00
C LEU B 201 -26.48 -17.33 -11.60
N LEU B 202 -25.55 -18.27 -11.77
CA LEU B 202 -25.78 -19.54 -12.47
C LEU B 202 -26.70 -20.43 -11.62
N GLU B 203 -27.65 -21.11 -12.27
CA GLU B 203 -28.72 -21.90 -11.63
C GLU B 203 -28.21 -23.32 -11.38
N CYS B 204 -27.24 -23.43 -10.46
CA CYS B 204 -26.41 -24.64 -10.31
C CYS B 204 -26.36 -25.08 -8.84
N VAL B 205 -27.17 -24.44 -7.98
CA VAL B 205 -27.02 -24.59 -6.50
C VAL B 205 -28.20 -25.37 -5.91
N THR B 206 -27.89 -26.43 -5.16
CA THR B 206 -28.78 -26.93 -4.09
C THR B 206 -28.48 -26.11 -2.83
N TRP B 207 -29.43 -25.26 -2.47
CA TRP B 207 -29.38 -24.43 -1.24
C TRP B 207 -29.79 -25.28 -0.03
N ILE B 208 -28.96 -25.22 1.00
CA ILE B 208 -29.23 -25.87 2.31
C ILE B 208 -29.08 -24.74 3.32
N VAL B 209 -30.20 -24.22 3.82
CA VAL B 209 -30.24 -23.07 4.74
C VAL B 209 -30.60 -23.58 6.15
N LEU B 210 -29.73 -23.31 7.12
CA LEU B 210 -29.95 -23.81 8.50
C LEU B 210 -31.01 -22.97 9.21
N LYS B 211 -31.87 -23.68 9.95
CA LYS B 211 -32.95 -23.14 10.81
C LYS B 211 -32.34 -22.24 11.88
N GLU B 212 -31.27 -22.70 12.51
CA GLU B 212 -30.71 -22.08 13.73
C GLU B 212 -29.68 -21.04 13.30
N PRO B 213 -29.90 -19.74 13.57
CA PRO B 213 -28.83 -18.76 13.43
C PRO B 213 -27.75 -18.94 14.51
N ILE B 214 -26.55 -18.43 14.20
CA ILE B 214 -25.43 -18.28 15.16
C ILE B 214 -25.48 -16.84 15.71
N SER B 215 -24.98 -16.67 16.93
CA SER B 215 -24.79 -15.32 17.55
C SER B 215 -23.39 -14.87 17.22
N VAL B 216 -23.25 -13.63 16.76
CA VAL B 216 -21.97 -12.88 16.76
C VAL B 216 -22.16 -11.65 17.64
N SER B 217 -21.06 -11.10 18.15
CA SER B 217 -21.09 -9.85 18.94
C SER B 217 -21.21 -8.68 17.98
N SER B 218 -21.68 -7.54 18.48
CA SER B 218 -21.77 -6.30 17.69
C SER B 218 -20.35 -5.85 17.31
N GLU B 219 -19.34 -6.11 18.17
CA GLU B 219 -17.90 -5.85 17.89
C GLU B 219 -17.46 -6.68 16.67
N GLN B 220 -17.81 -7.96 16.63
CA GLN B 220 -17.46 -8.86 15.50
C GLN B 220 -18.10 -8.33 14.20
N VAL B 221 -19.39 -7.98 14.22
CA VAL B 221 -20.08 -7.56 12.97
C VAL B 221 -19.60 -6.15 12.57
N LEU B 222 -19.18 -5.32 13.54
CA LEU B 222 -18.62 -3.97 13.26
C LEU B 222 -17.35 -4.09 12.43
N LYS B 223 -16.53 -5.13 12.67
CA LYS B 223 -15.29 -5.40 11.92
C LYS B 223 -15.59 -5.62 10.45
N PHE B 224 -16.63 -6.41 10.16
CA PHE B 224 -17.09 -6.67 8.77
C PHE B 224 -17.34 -5.32 8.10
N ARG B 225 -18.00 -4.41 8.81
CA ARG B 225 -18.49 -3.12 8.25
C ARG B 225 -17.33 -2.15 7.98
N LYS B 226 -16.11 -2.49 8.40
CA LYS B 226 -14.93 -1.61 8.24
C LYS B 226 -14.09 -2.06 7.02
N LEU B 227 -14.44 -3.18 6.40
CA LEU B 227 -13.85 -3.54 5.08
C LEU B 227 -14.23 -2.48 4.04
N ASN B 228 -13.49 -2.45 2.92
CA ASN B 228 -13.70 -1.54 1.76
C ASN B 228 -14.03 -2.34 0.49
N PHE B 229 -15.00 -1.88 -0.30
CA PHE B 229 -15.28 -2.30 -1.69
C PHE B 229 -14.14 -1.85 -2.63
N ASN B 230 -13.59 -0.67 -2.36
CA ASN B 230 -12.61 0.01 -3.22
C ASN B 230 -11.21 -0.64 -3.13
N GLY B 231 -10.40 -0.39 -4.14
CA GLY B 231 -8.96 -0.74 -4.14
C GLY B 231 -8.12 0.32 -3.43
N GLU B 232 -6.87 -0.02 -3.17
CA GLU B 232 -5.87 0.91 -2.60
C GLU B 232 -5.66 2.09 -3.56
N GLY B 233 -5.74 3.31 -3.05
CA GLY B 233 -5.62 4.55 -3.85
C GLY B 233 -6.94 5.10 -4.34
N GLU B 234 -8.06 4.38 -4.17
CA GLU B 234 -9.42 4.89 -4.48
C GLU B 234 -10.04 5.49 -3.23
N PRO B 235 -11.03 6.41 -3.36
CA PRO B 235 -11.81 6.85 -2.21
C PRO B 235 -12.50 5.66 -1.51
N GLU B 236 -12.55 5.72 -0.19
CA GLU B 236 -13.16 4.71 0.70
C GLU B 236 -14.65 4.56 0.36
N GLU B 237 -15.09 3.33 0.06
CA GLU B 237 -16.50 2.92 0.08
C GLU B 237 -16.60 1.70 1.01
N LEU B 238 -17.26 1.87 2.15
CA LEU B 238 -17.48 0.79 3.14
C LEU B 238 -18.17 -0.41 2.48
N MET B 239 -17.58 -1.58 2.69
CA MET B 239 -18.16 -2.89 2.30
C MET B 239 -19.28 -3.24 3.28
N VAL B 240 -20.49 -2.78 2.97
CA VAL B 240 -21.76 -3.01 3.72
C VAL B 240 -22.88 -3.21 2.69
N ASP B 241 -23.97 -3.85 3.11
CA ASP B 241 -25.15 -4.10 2.23
C ASP B 241 -24.72 -4.84 0.95
N ASN B 242 -23.86 -5.84 1.09
CA ASN B 242 -23.39 -6.68 -0.06
C ASN B 242 -24.30 -7.91 -0.18
N TRP B 243 -25.62 -7.68 -0.15
CA TRP B 243 -26.66 -8.74 -0.21
C TRP B 243 -27.66 -8.43 -1.34
N ARG B 244 -28.09 -9.49 -2.01
CA ARG B 244 -29.18 -9.50 -3.02
C ARG B 244 -30.49 -9.79 -2.30
N PRO B 245 -31.58 -8.99 -2.54
CA PRO B 245 -32.87 -9.25 -1.89
C PRO B 245 -33.49 -10.57 -2.39
N ALA B 246 -34.58 -10.99 -1.72
CA ALA B 246 -35.39 -12.17 -2.07
C ALA B 246 -35.82 -12.07 -3.54
N GLN B 247 -35.68 -13.15 -4.31
CA GLN B 247 -36.11 -13.28 -5.72
C GLN B 247 -37.40 -14.09 -5.77
N PRO B 248 -38.19 -14.01 -6.86
CA PRO B 248 -39.44 -14.76 -6.99
C PRO B 248 -39.22 -16.28 -6.90
N LEU B 249 -39.96 -16.93 -6.01
CA LEU B 249 -39.91 -18.40 -5.80
C LEU B 249 -40.36 -19.12 -7.08
N LYS B 250 -41.26 -18.50 -7.84
CA LYS B 250 -41.77 -19.06 -9.11
C LYS B 250 -42.34 -20.43 -8.78
N ASN B 251 -41.93 -21.52 -9.41
CA ASN B 251 -42.78 -22.73 -9.18
C ASN B 251 -42.12 -23.65 -8.15
N ARG B 252 -41.13 -23.17 -7.39
CA ARG B 252 -40.19 -24.06 -6.67
C ARG B 252 -40.73 -24.49 -5.32
N GLN B 253 -40.30 -25.68 -4.89
CA GLN B 253 -40.69 -26.24 -3.58
C GLN B 253 -39.52 -26.06 -2.59
N ILE B 254 -39.78 -25.41 -1.47
CA ILE B 254 -38.83 -25.37 -0.30
C ILE B 254 -39.25 -26.48 0.66
N LYS B 255 -38.33 -27.41 0.94
CA LYS B 255 -38.55 -28.56 1.88
C LYS B 255 -37.82 -28.33 3.21
N ALA B 256 -38.45 -28.71 4.31
CA ALA B 256 -37.89 -28.61 5.67
C ALA B 256 -37.44 -30.01 6.09
N SER B 257 -36.29 -30.09 6.76
CA SER B 257 -35.74 -31.35 7.30
C SER B 257 -36.36 -31.66 8.67
N PHE B 258 -37.25 -30.80 9.20
CA PHE B 258 -37.72 -30.81 10.62
C PHE B 258 -39.21 -30.43 10.72
N LYS B 259 -39.89 -30.75 11.84
CA LYS B 259 -41.32 -30.32 12.12
C LYS B 259 -41.33 -29.08 13.02
N HIS C 3 17.63 13.00 6.36
CA HIS C 3 17.78 11.89 7.37
C HIS C 3 19.04 11.06 7.07
N TRP C 4 19.81 10.67 8.10
CA TRP C 4 21.03 9.81 7.96
C TRP C 4 20.65 8.49 7.29
N GLY C 5 21.61 7.89 6.60
CA GLY C 5 21.47 6.53 6.05
C GLY C 5 22.82 5.95 5.70
N TYR C 6 22.90 5.29 4.55
CA TYR C 6 24.09 4.55 4.10
C TYR C 6 24.44 4.95 2.66
N GLY C 7 23.90 6.06 2.17
CA GLY C 7 24.14 6.55 0.79
C GLY C 7 25.38 7.45 0.69
N LYS C 8 25.63 7.99 -0.53
CA LYS C 8 26.86 8.75 -0.86
C LYS C 8 26.96 9.99 0.06
N HIS C 9 25.83 10.63 0.35
CA HIS C 9 25.76 11.97 0.98
C HIS C 9 25.32 11.89 2.45
N ASN C 10 24.70 10.79 2.91
CA ASN C 10 24.09 10.70 4.27
C ASN C 10 24.67 9.51 5.03
N GLY C 11 25.74 8.88 4.56
CA GLY C 11 26.30 7.62 5.08
C GLY C 11 27.32 7.82 6.19
N PRO C 12 27.92 6.73 6.69
CA PRO C 12 28.86 6.78 7.82
C PRO C 12 29.95 7.84 7.71
N GLU C 13 30.54 8.02 6.52
CA GLU C 13 31.58 9.06 6.24
C GLU C 13 31.06 10.46 6.60
N HIS C 14 29.75 10.71 6.47
CA HIS C 14 29.12 12.05 6.64
C HIS C 14 28.47 12.23 8.04
N TRP C 15 28.24 11.14 8.80
CA TRP C 15 27.45 11.23 10.06
C TRP C 15 28.04 12.29 11.01
N HIS C 16 29.35 12.43 11.07
CA HIS C 16 30.07 13.36 11.98
C HIS C 16 29.54 14.79 11.82
N LYS C 17 29.06 15.17 10.63
CA LYS C 17 28.59 16.54 10.32
C LYS C 17 27.33 16.87 11.13
N ASP C 18 26.50 15.85 11.40
CA ASP C 18 25.20 16.00 12.09
C ASP C 18 25.31 15.52 13.54
N PHE C 19 26.19 14.57 13.82
CA PHE C 19 26.29 13.84 15.11
C PHE C 19 27.74 13.88 15.56
N PRO C 20 28.14 14.92 16.33
CA PRO C 20 29.52 15.10 16.74
C PRO C 20 30.11 13.88 17.46
N ILE C 21 29.32 13.09 18.18
CA ILE C 21 29.84 11.93 18.96
C ILE C 21 30.42 10.88 18.00
N ALA C 22 30.13 10.97 16.69
CA ALA C 22 30.66 10.00 15.68
C ALA C 22 32.19 9.93 15.75
N LYS C 23 32.84 10.97 16.26
CA LYS C 23 34.32 11.01 16.36
C LYS C 23 34.72 10.91 17.83
N GLY C 24 33.87 10.35 18.67
CA GLY C 24 34.15 10.17 20.09
C GLY C 24 35.25 9.13 20.35
N GLU C 25 35.55 8.94 21.64
CA GLU C 25 36.69 8.13 22.14
C GLU C 25 36.35 6.63 22.24
N ARG C 26 35.08 6.25 22.07
CA ARG C 26 34.66 4.83 22.20
C ARG C 26 33.64 4.49 21.10
N GLN C 27 34.00 4.67 19.84
CA GLN C 27 33.05 4.41 18.73
C GLN C 27 33.14 2.94 18.26
N SER C 28 32.01 2.42 17.82
CA SER C 28 31.86 1.04 17.30
C SER C 28 31.34 1.09 15.87
N PRO C 29 31.63 0.08 15.03
CA PRO C 29 32.41 -1.10 15.44
C PRO C 29 33.93 -0.83 15.40
N VAL C 30 34.71 -1.88 15.65
CA VAL C 30 36.20 -1.89 15.56
C VAL C 30 36.66 -3.18 14.89
N ASP C 31 37.88 -3.13 14.38
CA ASP C 31 38.62 -4.35 13.95
C ASP C 31 39.15 -5.07 15.20
N ILE C 32 38.95 -6.38 15.26
CA ILE C 32 39.50 -7.23 16.37
C ILE C 32 40.78 -7.93 15.87
N ASP C 33 41.95 -7.39 16.20
CA ASP C 33 43.26 -7.98 15.83
C ASP C 33 43.57 -9.04 16.88
N THR C 34 43.66 -10.31 16.48
CA THR C 34 43.81 -11.45 17.42
C THR C 34 45.24 -11.46 17.98
N HIS C 35 46.18 -10.66 17.44
CA HIS C 35 47.56 -10.46 17.98
C HIS C 35 47.52 -9.64 19.29
N THR C 36 46.62 -8.66 19.40
CA THR C 36 46.54 -7.68 20.53
C THR C 36 45.27 -7.90 21.39
N ALA C 37 44.22 -8.53 20.88
CA ALA C 37 43.00 -8.83 21.66
C ALA C 37 43.27 -10.08 22.52
N LYS C 38 43.96 -9.89 23.66
CA LYS C 38 44.56 -10.99 24.46
C LYS C 38 43.53 -11.69 25.35
N TYR C 39 43.76 -12.98 25.61
CA TYR C 39 43.02 -13.81 26.60
C TYR C 39 43.03 -13.09 27.96
N ASP C 40 41.87 -12.99 28.61
CA ASP C 40 41.74 -12.48 30.01
C ASP C 40 41.18 -13.59 30.89
N PRO C 41 42.03 -14.24 31.74
CA PRO C 41 41.56 -15.33 32.59
C PRO C 41 40.52 -14.91 33.65
N SER C 42 40.38 -13.61 33.92
CA SER C 42 39.40 -13.07 34.90
C SER C 42 37.97 -13.01 34.30
N LEU C 43 37.80 -13.15 32.99
CA LEU C 43 36.46 -13.02 32.34
C LEU C 43 35.61 -14.26 32.69
N LYS C 44 34.48 -14.05 33.38
CA LYS C 44 33.50 -15.13 33.71
C LYS C 44 32.87 -15.66 32.43
N PRO C 45 32.37 -16.92 32.43
CA PRO C 45 31.60 -17.44 31.31
C PRO C 45 30.38 -16.54 31.07
N LEU C 46 29.94 -16.46 29.82
CA LEU C 46 28.73 -15.71 29.45
C LEU C 46 27.49 -16.55 29.77
N SER C 47 26.45 -15.95 30.34
CA SER C 47 25.17 -16.63 30.65
C SER C 47 24.04 -16.05 29.78
N VAL C 48 23.61 -16.79 28.76
CA VAL C 48 22.50 -16.40 27.85
C VAL C 48 21.26 -17.14 28.30
N SER C 49 20.22 -16.43 28.69
CA SER C 49 19.01 -17.03 29.33
C SER C 49 17.77 -16.57 28.52
N TYR C 50 17.51 -17.26 27.41
CA TYR C 50 16.52 -16.86 26.38
C TYR C 50 15.32 -17.83 26.36
N ASP C 51 15.27 -18.77 27.30
CA ASP C 51 14.26 -19.87 27.33
C ASP C 51 12.85 -19.26 27.25
N GLN C 52 12.56 -18.16 27.94
CA GLN C 52 11.20 -17.58 27.98
C GLN C 52 11.06 -16.32 27.08
N ALA C 53 11.93 -16.13 26.09
CA ALA C 53 11.88 -14.95 25.20
C ALA C 53 10.47 -14.83 24.58
N THR C 54 9.87 -13.64 24.62
CA THR C 54 8.54 -13.34 24.03
C THR C 54 8.71 -12.32 22.89
N SER C 55 8.81 -12.81 21.65
CA SER C 55 8.88 -11.94 20.46
C SER C 55 7.48 -11.31 20.28
N LEU C 56 7.40 -10.06 19.81
CA LEU C 56 6.12 -9.32 19.64
C LEU C 56 5.91 -8.97 18.16
N ARG C 57 6.88 -8.32 17.53
CA ARG C 57 6.68 -7.74 16.17
C ARG C 57 8.01 -7.62 15.46
N ILE C 58 7.92 -7.52 14.14
CA ILE C 58 9.08 -7.26 13.22
C ILE C 58 8.74 -6.01 12.42
N LEU C 59 9.73 -5.14 12.20
CA LEU C 59 9.51 -3.87 11.49
C LEU C 59 10.75 -3.49 10.68
N ASN C 60 10.46 -2.91 9.53
CA ASN C 60 11.41 -2.20 8.65
C ASN C 60 11.41 -0.74 9.11
N ASN C 61 12.52 -0.28 9.70
CA ASN C 61 12.63 1.12 10.21
C ASN C 61 13.38 2.00 9.21
N GLY C 62 13.66 1.51 7.99
CA GLY C 62 14.37 2.30 6.96
C GLY C 62 15.89 2.18 7.04
N HIS C 63 16.43 1.47 8.04
CA HIS C 63 17.87 1.25 8.28
C HIS C 63 18.17 -0.25 8.29
N ALA C 64 17.36 -1.01 9.03
CA ALA C 64 17.40 -2.48 9.11
C ALA C 64 15.97 -2.97 9.39
N PHE C 65 15.84 -4.24 9.81
CA PHE C 65 14.58 -4.75 10.40
C PHE C 65 14.89 -5.22 11.82
N ASN C 66 13.98 -4.88 12.73
CA ASN C 66 14.03 -5.13 14.19
C ASN C 66 12.95 -6.16 14.51
N VAL C 67 13.35 -7.22 15.21
CA VAL C 67 12.41 -8.11 15.94
C VAL C 67 12.39 -7.61 17.37
N GLU C 68 11.22 -7.20 17.83
CA GLU C 68 11.04 -6.62 19.18
C GLU C 68 10.51 -7.67 20.13
N PHE C 69 10.97 -7.57 21.38
CA PHE C 69 10.66 -8.51 22.49
C PHE C 69 9.95 -7.77 23.60
N ASP C 70 9.08 -8.48 24.31
CA ASP C 70 8.51 -8.03 25.59
C ASP C 70 9.65 -7.99 26.62
N ASP C 71 9.99 -6.79 27.08
CA ASP C 71 11.13 -6.54 27.99
C ASP C 71 10.62 -6.02 29.35
N SER C 72 9.36 -6.28 29.68
CA SER C 72 8.74 -5.84 30.97
C SER C 72 9.23 -6.73 32.13
N GLN C 73 9.85 -7.88 31.85
CA GLN C 73 10.37 -8.84 32.86
C GLN C 73 11.69 -9.45 32.36
N ASP C 74 12.34 -10.22 33.24
CA ASP C 74 13.62 -10.94 33.00
C ASP C 74 13.36 -12.27 32.27
N LYS C 75 12.59 -12.26 31.18
CA LYS C 75 12.27 -13.46 30.35
C LYS C 75 13.42 -13.81 29.40
N ALA C 76 14.24 -12.84 29.00
CA ALA C 76 15.34 -13.04 28.05
C ALA C 76 16.44 -12.07 28.47
N VAL C 77 17.50 -12.61 29.07
CA VAL C 77 18.57 -11.79 29.70
C VAL C 77 19.96 -12.34 29.34
N LEU C 78 20.92 -11.42 29.34
CA LEU C 78 22.37 -11.65 29.28
C LEU C 78 22.92 -11.34 30.67
N LYS C 79 23.68 -12.27 31.23
CA LYS C 79 24.37 -12.14 32.54
C LYS C 79 25.79 -12.73 32.41
N GLY C 80 26.63 -12.49 33.41
CA GLY C 80 28.04 -12.95 33.43
C GLY C 80 28.87 -12.28 32.36
N GLY C 81 29.89 -13.00 31.88
CA GLY C 81 30.94 -12.42 31.06
C GLY C 81 31.46 -11.14 31.70
N PRO C 82 31.59 -10.03 30.93
CA PRO C 82 32.06 -8.77 31.50
C PRO C 82 30.98 -7.98 32.25
N LEU C 83 29.72 -8.44 32.30
CA LEU C 83 28.57 -7.61 32.73
C LEU C 83 28.39 -7.69 34.25
N ASP C 84 28.16 -6.54 34.89
CA ASP C 84 27.52 -6.48 36.24
C ASP C 84 26.03 -6.33 36.03
N GLY C 85 25.24 -7.27 36.58
CA GLY C 85 23.80 -7.16 36.66
C GLY C 85 23.13 -7.85 35.48
N THR C 86 21.86 -7.52 35.28
CA THR C 86 20.98 -8.22 34.33
C THR C 86 20.66 -7.25 33.19
N TYR C 87 20.82 -7.74 31.96
CA TYR C 87 20.56 -6.98 30.72
C TYR C 87 19.42 -7.69 29.96
N ARG C 88 18.28 -7.00 29.80
CA ARG C 88 17.07 -7.54 29.13
C ARG C 88 17.11 -7.30 27.62
N LEU C 89 16.89 -8.38 26.87
CA LEU C 89 16.72 -8.36 25.42
C LEU C 89 15.53 -7.47 25.04
N ILE C 90 15.76 -6.43 24.23
CA ILE C 90 14.68 -5.54 23.72
C ILE C 90 14.44 -5.82 22.22
N GLN C 91 15.51 -6.01 21.44
CA GLN C 91 15.37 -6.29 19.99
C GLN C 91 16.65 -6.92 19.46
N PHE C 92 16.55 -7.60 18.32
CA PHE C 92 17.69 -7.96 17.46
C PHE C 92 17.43 -7.42 16.05
N HIS C 93 18.52 -7.25 15.33
CA HIS C 93 18.55 -6.79 13.92
C HIS C 93 19.86 -7.28 13.32
N PHE C 94 19.99 -7.15 12.01
CA PHE C 94 21.21 -7.49 11.26
C PHE C 94 21.72 -6.26 10.54
N HIS C 95 23.00 -6.31 10.17
CA HIS C 95 23.65 -5.51 9.11
C HIS C 95 24.18 -6.48 8.07
N TRP C 96 24.05 -6.18 6.78
CA TRP C 96 24.49 -7.07 5.69
C TRP C 96 24.93 -6.28 4.46
N GLY C 97 25.60 -6.97 3.53
CA GLY C 97 26.18 -6.34 2.34
C GLY C 97 25.34 -6.58 1.08
N SER C 98 25.76 -5.95 -0.01
CA SER C 98 25.30 -6.17 -1.41
C SER C 98 25.97 -7.43 -1.99
N LEU C 99 27.13 -7.84 -1.45
CA LEU C 99 27.95 -9.00 -1.87
C LEU C 99 28.38 -9.76 -0.61
N ASP C 100 28.68 -11.06 -0.74
CA ASP C 100 29.09 -11.96 0.37
C ASP C 100 30.39 -11.46 1.03
N GLY C 101 31.26 -10.77 0.29
CA GLY C 101 32.58 -10.30 0.77
C GLY C 101 32.49 -9.13 1.74
N GLN C 102 31.32 -8.59 2.00
CA GLN C 102 31.13 -7.47 2.96
C GLN C 102 29.75 -7.53 3.62
N GLY C 103 29.55 -6.76 4.70
CA GLY C 103 28.29 -6.72 5.44
C GLY C 103 28.49 -6.58 6.94
N SER C 104 29.49 -7.24 7.52
CA SER C 104 29.73 -7.18 8.98
C SER C 104 30.23 -5.76 9.37
N GLU C 105 29.92 -5.34 10.58
CA GLU C 105 30.41 -4.07 11.18
C GLU C 105 31.79 -4.35 11.80
N HIS C 106 31.81 -5.18 12.84
CA HIS C 106 33.09 -5.72 13.38
C HIS C 106 33.78 -6.55 12.28
N THR C 107 35.10 -6.58 12.37
CA THR C 107 36.01 -7.37 11.52
C THR C 107 36.95 -8.14 12.45
N VAL C 108 37.48 -9.28 12.00
CA VAL C 108 38.47 -10.08 12.76
C VAL C 108 39.71 -10.19 11.87
N ASP C 109 40.81 -9.58 12.30
CA ASP C 109 42.06 -9.47 11.50
C ASP C 109 41.70 -8.90 10.13
N LYS C 110 40.82 -7.89 10.10
CA LYS C 110 40.35 -7.15 8.89
C LYS C 110 39.41 -7.99 8.01
N LYS C 111 39.14 -9.26 8.33
CA LYS C 111 38.15 -10.06 7.57
C LYS C 111 36.74 -9.49 7.82
N LYS C 112 36.03 -9.11 6.77
CA LYS C 112 34.56 -8.81 6.83
C LYS C 112 33.76 -10.09 6.58
N TYR C 113 32.70 -10.30 7.36
CA TYR C 113 31.68 -11.35 7.11
C TYR C 113 30.54 -10.80 6.26
N ALA C 114 29.67 -11.69 5.77
CA ALA C 114 28.52 -11.39 4.89
C ALA C 114 27.47 -10.54 5.62
N ALA C 115 27.35 -10.71 6.93
CA ALA C 115 26.39 -9.98 7.78
C ALA C 115 26.78 -10.10 9.25
N GLU C 116 26.10 -9.37 10.12
CA GLU C 116 26.31 -9.37 11.58
C GLU C 116 24.94 -9.21 12.24
N LEU C 117 24.64 -10.10 13.18
CA LEU C 117 23.45 -10.07 14.06
C LEU C 117 23.81 -9.35 15.37
N HIS C 118 22.94 -8.43 15.79
CA HIS C 118 23.04 -7.64 17.03
C HIS C 118 21.81 -7.95 17.89
N LEU C 119 22.01 -8.66 18.97
CA LEU C 119 21.01 -8.82 20.05
C LEU C 119 21.25 -7.71 21.08
N VAL C 120 20.26 -6.83 21.24
CA VAL C 120 20.36 -5.55 22.01
C VAL C 120 19.67 -5.75 23.37
N HIS C 121 20.42 -5.48 24.43
CA HIS C 121 19.96 -5.65 25.83
C HIS C 121 20.25 -4.37 26.60
N TRP C 122 19.46 -4.08 27.61
CA TRP C 122 19.66 -2.88 28.46
C TRP C 122 19.67 -3.29 29.94
N ASN C 123 20.48 -2.57 30.71
CA ASN C 123 20.76 -2.81 32.15
C ASN C 123 19.52 -2.44 32.99
N THR C 124 18.96 -3.41 33.72
CA THR C 124 17.67 -3.27 34.44
C THR C 124 17.86 -2.30 35.61
N LYS C 125 19.11 -2.06 36.00
CA LYS C 125 19.50 -1.04 36.99
C LYS C 125 18.88 0.32 36.63
N TYR C 126 18.61 0.62 35.36
CA TYR C 126 18.25 2.00 34.95
C TYR C 126 16.75 2.17 34.67
N GLY C 127 15.92 1.12 34.80
CA GLY C 127 14.46 1.35 34.81
C GLY C 127 13.86 1.22 33.42
N ASP C 128 14.43 1.88 32.41
CA ASP C 128 13.98 1.72 30.99
C ASP C 128 15.17 1.92 30.04
N PHE C 129 14.96 1.60 28.76
CA PHE C 129 15.96 1.71 27.67
C PHE C 129 16.44 3.16 27.50
N GLY C 130 15.52 4.12 27.54
CA GLY C 130 15.80 5.55 27.31
C GLY C 130 16.80 6.08 28.32
N LYS C 131 16.74 5.57 29.55
CA LYS C 131 17.64 6.01 30.64
C LYS C 131 18.97 5.25 30.53
N ALA C 132 18.89 3.98 30.13
CA ALA C 132 20.06 3.08 29.98
C ALA C 132 21.01 3.64 28.92
N VAL C 133 20.52 4.25 27.83
CA VAL C 133 21.42 4.68 26.71
C VAL C 133 22.26 5.90 27.15
N GLN C 134 21.93 6.50 28.30
CA GLN C 134 22.65 7.70 28.81
C GLN C 134 23.79 7.27 29.74
N GLN C 135 24.02 5.97 29.90
CA GLN C 135 24.99 5.43 30.90
C GLN C 135 26.04 4.59 30.18
N PRO C 136 27.33 4.70 30.56
CA PRO C 136 28.38 3.91 29.94
C PRO C 136 28.15 2.40 30.00
N ASP C 137 27.45 1.92 31.02
CA ASP C 137 27.18 0.46 31.30
C ASP C 137 25.71 0.16 31.01
N GLY C 138 25.07 0.99 30.20
CA GLY C 138 23.61 0.92 29.98
C GLY C 138 23.17 -0.26 29.11
N LEU C 139 23.96 -0.58 28.09
CA LEU C 139 23.58 -1.56 27.04
C LEU C 139 24.65 -2.64 26.94
N ALA C 140 24.21 -3.82 26.52
CA ALA C 140 25.11 -4.92 26.14
C ALA C 140 24.59 -5.45 24.80
N VAL C 141 25.42 -5.35 23.76
CA VAL C 141 25.05 -5.92 22.46
C VAL C 141 25.89 -7.17 22.21
N LEU C 142 25.19 -8.30 22.04
CA LEU C 142 25.75 -9.58 21.59
C LEU C 142 25.79 -9.55 20.04
N GLY C 143 27.01 -9.55 19.50
CA GLY C 143 27.29 -9.55 18.06
C GLY C 143 27.66 -10.94 17.58
N ILE C 144 27.00 -11.39 16.52
CA ILE C 144 27.26 -12.73 15.90
C ILE C 144 27.46 -12.53 14.41
N PHE C 145 28.58 -13.03 13.90
CA PHE C 145 28.96 -12.97 12.46
C PHE C 145 28.12 -13.97 11.66
N LEU C 146 27.74 -13.60 10.43
CA LEU C 146 27.06 -14.51 9.47
C LEU C 146 27.98 -14.76 8.27
N LYS C 147 28.21 -16.02 7.95
CA LYS C 147 28.86 -16.42 6.69
C LYS C 147 27.90 -17.26 5.87
N VAL C 148 28.15 -17.36 4.57
CA VAL C 148 27.27 -18.07 3.61
C VAL C 148 27.73 -19.52 3.51
N GLY C 149 26.83 -20.44 3.89
CA GLY C 149 27.03 -21.89 3.72
C GLY C 149 25.71 -22.57 3.80
N SER C 150 25.58 -23.49 4.76
CA SER C 150 24.30 -24.15 5.12
C SER C 150 23.29 -23.12 5.64
N ALA C 151 22.02 -23.39 5.39
CA ALA C 151 20.84 -22.70 5.95
C ALA C 151 20.92 -22.72 7.48
N LYS C 152 20.59 -21.58 8.12
CA LYS C 152 20.31 -21.52 9.57
C LYS C 152 18.82 -21.81 9.76
N PRO C 153 18.42 -23.02 10.23
CA PRO C 153 16.99 -23.34 10.41
C PRO C 153 16.24 -22.30 11.26
N GLY C 154 16.86 -21.85 12.37
CA GLY C 154 16.33 -20.85 13.32
C GLY C 154 16.05 -19.49 12.67
N LEU C 155 16.61 -19.21 11.49
CA LEU C 155 16.44 -17.91 10.77
C LEU C 155 15.24 -17.97 9.81
N GLN C 156 14.76 -19.18 9.46
CA GLN C 156 13.78 -19.34 8.36
C GLN C 156 12.49 -18.56 8.66
N LYS C 157 12.06 -18.54 9.92
CA LYS C 157 10.79 -17.88 10.34
C LYS C 157 10.90 -16.38 10.10
N VAL C 158 12.11 -15.80 10.25
CA VAL C 158 12.38 -14.36 9.98
C VAL C 158 12.32 -14.11 8.47
N VAL C 159 13.11 -14.83 7.72
CA VAL C 159 13.22 -14.71 6.25
C VAL C 159 11.83 -14.83 5.60
N ASP C 160 10.98 -15.72 6.10
CA ASP C 160 9.65 -16.01 5.52
C ASP C 160 8.69 -14.82 5.67
N VAL C 161 8.94 -13.87 6.57
CA VAL C 161 7.99 -12.72 6.82
C VAL C 161 8.52 -11.43 6.17
N LEU C 162 9.71 -11.45 5.55
CA LEU C 162 10.36 -10.19 5.07
C LEU C 162 9.60 -9.55 3.91
N ASP C 163 8.97 -10.31 3.04
CA ASP C 163 8.18 -9.71 1.94
C ASP C 163 7.01 -8.90 2.51
N SER C 164 6.50 -9.24 3.69
CA SER C 164 5.37 -8.52 4.35
C SER C 164 5.82 -7.17 4.98
N ILE C 165 7.13 -6.95 5.15
CA ILE C 165 7.69 -5.66 5.67
C ILE C 165 8.75 -5.10 4.71
N LYS C 166 8.51 -5.19 3.40
CA LYS C 166 9.47 -4.81 2.35
C LYS C 166 9.90 -3.32 2.44
N THR C 167 8.95 -2.42 2.75
CA THR C 167 9.20 -0.95 2.74
C THR C 167 9.22 -0.37 4.16
N LYS C 168 9.85 0.79 4.29
CA LYS C 168 10.09 1.55 5.55
C LYS C 168 8.75 1.85 6.22
N GLY C 169 8.67 1.62 7.53
CA GLY C 169 7.45 1.80 8.34
C GLY C 169 6.65 0.52 8.48
N LYS C 170 6.78 -0.44 7.57
CA LYS C 170 5.94 -1.66 7.57
C LYS C 170 6.31 -2.48 8.80
N SER C 171 5.33 -3.08 9.46
CA SER C 171 5.56 -4.05 10.55
C SER C 171 4.53 -5.18 10.47
N ALA C 172 4.76 -6.21 11.27
CA ALA C 172 3.90 -7.41 11.33
C ALA C 172 4.00 -8.02 12.72
N ASP C 173 2.92 -8.61 13.19
CA ASP C 173 2.93 -9.50 14.37
C ASP C 173 4.01 -10.56 14.14
N PHE C 174 4.82 -10.82 15.16
CA PHE C 174 5.92 -11.80 15.07
C PHE C 174 6.11 -12.48 16.43
N THR C 175 5.28 -13.46 16.72
CA THR C 175 5.18 -14.11 18.05
C THR C 175 5.84 -15.48 18.04
N ASN C 176 6.26 -15.92 19.22
CA ASN C 176 6.86 -17.28 19.46
C ASN C 176 8.12 -17.48 18.61
N PHE C 177 8.89 -16.42 18.37
CA PHE C 177 10.22 -16.58 17.74
C PHE C 177 11.26 -16.84 18.85
N ASP C 178 12.02 -17.92 18.68
CA ASP C 178 13.07 -18.39 19.60
C ASP C 178 14.43 -17.87 19.15
N PRO C 179 14.98 -16.85 19.83
CA PRO C 179 16.29 -16.30 19.45
C PRO C 179 17.46 -17.26 19.75
N ARG C 180 17.25 -18.33 20.52
CA ARG C 180 18.29 -19.36 20.74
C ARG C 180 18.65 -19.99 19.39
N GLY C 181 17.71 -20.04 18.44
CA GLY C 181 17.92 -20.67 17.13
C GLY C 181 18.85 -19.86 16.24
N LEU C 182 19.29 -18.69 16.69
CA LEU C 182 20.24 -17.84 15.93
C LEU C 182 21.66 -17.93 16.53
N LEU C 183 21.89 -18.70 17.60
CA LEU C 183 23.20 -18.73 18.30
C LEU C 183 24.15 -19.76 17.67
N PRO C 184 25.48 -19.55 17.72
CA PRO C 184 26.44 -20.59 17.37
C PRO C 184 26.58 -21.55 18.56
N GLU C 185 27.44 -22.57 18.46
CA GLU C 185 27.64 -23.60 19.51
C GLU C 185 28.47 -23.02 20.65
N SER C 186 29.57 -22.33 20.34
CA SER C 186 30.48 -21.71 21.32
C SER C 186 30.00 -20.30 21.65
N LEU C 187 30.07 -19.94 22.94
CA LEU C 187 29.83 -18.56 23.42
C LEU C 187 31.16 -17.90 23.75
N ASP C 188 32.28 -18.44 23.25
CA ASP C 188 33.59 -17.76 23.35
C ASP C 188 33.45 -16.40 22.67
N TYR C 189 34.03 -15.35 23.27
CA TYR C 189 33.76 -13.95 22.86
C TYR C 189 34.96 -13.03 23.08
N TRP C 190 34.91 -11.93 22.35
CA TRP C 190 35.71 -10.70 22.57
C TRP C 190 34.76 -9.67 23.21
N THR C 191 35.30 -8.79 24.07
CA THR C 191 34.55 -7.68 24.68
C THR C 191 35.41 -6.40 24.71
N TYR C 192 34.76 -5.25 24.55
CA TYR C 192 35.39 -3.91 24.62
C TYR C 192 34.27 -2.87 24.81
N PRO C 193 34.54 -1.72 25.47
CA PRO C 193 33.54 -0.67 25.62
C PRO C 193 33.40 0.10 24.30
N GLY C 194 32.16 0.35 23.87
CA GLY C 194 31.89 1.03 22.59
C GLY C 194 30.55 1.74 22.55
N SER C 195 30.01 1.86 21.34
CA SER C 195 28.84 2.71 21.04
C SER C 195 27.77 1.94 20.26
N LEU C 196 26.59 2.55 20.15
CA LEU C 196 25.65 2.28 19.04
C LEU C 196 26.40 2.46 17.71
N THR C 197 26.15 1.58 16.73
CA THR C 197 26.78 1.67 15.38
C THR C 197 25.93 2.51 14.40
N THR C 198 24.80 3.03 14.86
CA THR C 198 23.93 3.96 14.10
C THR C 198 23.71 5.19 14.96
N PRO C 199 23.49 6.38 14.36
CA PRO C 199 23.03 7.56 15.11
C PRO C 199 21.87 7.18 16.02
N PRO C 200 21.83 7.59 17.31
CA PRO C 200 22.76 8.59 17.87
C PRO C 200 24.17 8.18 18.34
N LEU C 201 24.64 6.95 18.09
CA LEU C 201 26.07 6.56 18.25
C LEU C 201 26.51 6.75 19.71
N LEU C 202 25.61 6.55 20.66
CA LEU C 202 25.84 6.83 22.09
C LEU C 202 26.84 5.81 22.66
N GLU C 203 27.77 6.29 23.50
CA GLU C 203 28.91 5.50 24.04
C GLU C 203 28.43 4.79 25.32
N CYS C 204 27.50 3.85 25.15
CA CYS C 204 26.69 3.26 26.24
C CYS C 204 26.76 1.71 26.19
N VAL C 205 27.62 1.14 25.33
CA VAL C 205 27.56 -0.31 25.00
C VAL C 205 28.79 -1.05 25.51
N THR C 206 28.56 -2.13 26.27
CA THR C 206 29.51 -3.25 26.40
C THR C 206 29.27 -4.19 25.22
N TRP C 207 30.21 -4.22 24.28
CA TRP C 207 30.19 -5.13 23.12
C TRP C 207 30.67 -6.52 23.52
N ILE C 208 29.88 -7.53 23.17
CA ILE C 208 30.26 -8.95 23.33
C ILE C 208 30.13 -9.59 21.96
N VAL C 209 31.26 -9.84 21.29
CA VAL C 209 31.27 -10.35 19.89
C VAL C 209 31.73 -11.81 19.92
N LEU C 210 30.90 -12.71 19.39
CA LEU C 210 31.19 -14.16 19.43
C LEU C 210 32.25 -14.51 18.39
N LYS C 211 33.19 -15.36 18.79
CA LYS C 211 34.27 -15.93 17.95
C LYS C 211 33.64 -16.76 16.83
N GLU C 212 32.64 -17.59 17.13
CA GLU C 212 32.09 -18.58 16.17
C GLU C 212 30.98 -17.91 15.36
N PRO C 213 31.15 -17.71 14.03
CA PRO C 213 30.04 -17.29 13.17
C PRO C 213 29.00 -18.40 13.02
N ILE C 214 27.80 -18.00 12.64
CA ILE C 214 26.71 -18.94 12.20
C ILE C 214 26.73 -18.98 10.67
N SER C 215 26.24 -20.06 10.10
CA SER C 215 26.04 -20.22 8.65
C SER C 215 24.61 -19.83 8.35
N VAL C 216 24.43 -19.03 7.31
CA VAL C 216 23.12 -18.84 6.63
C VAL C 216 23.30 -19.27 5.18
N SER C 217 22.19 -19.63 4.52
CA SER C 217 22.19 -20.01 3.10
C SER C 217 22.26 -18.74 2.27
N SER C 218 22.70 -18.86 1.03
CA SER C 218 22.72 -17.74 0.07
C SER C 218 21.27 -17.31 -0.22
N GLU C 219 20.31 -18.26 -0.19
CA GLU C 219 18.85 -17.99 -0.33
C GLU C 219 18.39 -17.09 0.84
N GLN C 220 18.78 -17.42 2.07
CA GLN C 220 18.40 -16.62 3.27
C GLN C 220 18.97 -15.21 3.12
N VAL C 221 20.25 -15.05 2.76
CA VAL C 221 20.87 -13.70 2.70
C VAL C 221 20.30 -12.94 1.49
N LEU C 222 19.91 -13.62 0.42
CA LEU C 222 19.27 -12.99 -0.77
C LEU C 222 17.97 -12.27 -0.35
N LYS C 223 17.18 -12.86 0.55
CA LYS C 223 15.91 -12.26 1.05
C LYS C 223 16.22 -10.96 1.80
N PHE C 224 17.27 -10.91 2.63
CA PHE C 224 17.71 -9.67 3.31
C PHE C 224 17.88 -8.58 2.25
N ARG C 225 18.53 -8.92 1.13
CA ARG C 225 18.95 -7.95 0.08
C ARG C 225 17.74 -7.46 -0.72
N LYS C 226 16.55 -8.02 -0.51
CA LYS C 226 15.33 -7.66 -1.27
C LYS C 226 14.46 -6.68 -0.45
N LEU C 227 14.81 -6.43 0.82
CA LEU C 227 14.18 -5.33 1.58
C LEU C 227 14.50 -3.98 0.90
N ASN C 228 13.71 -2.96 1.24
CA ASN C 228 13.84 -1.58 0.71
C ASN C 228 14.14 -0.61 1.86
N PHE C 229 15.06 0.34 1.62
CA PHE C 229 15.29 1.54 2.47
C PHE C 229 14.11 2.50 2.33
N ASN C 230 13.55 2.58 1.13
CA ASN C 230 12.50 3.56 0.77
C ASN C 230 11.13 3.18 1.38
N GLY C 231 10.27 4.18 1.49
CA GLY C 231 8.86 4.01 1.85
C GLY C 231 8.01 3.64 0.63
N GLU C 232 6.78 3.25 0.89
CA GLU C 232 5.77 2.96 -0.15
C GLU C 232 5.49 4.26 -0.94
N GLY C 233 5.52 4.18 -2.27
CA GLY C 233 5.37 5.35 -3.16
C GLY C 233 6.68 5.99 -3.59
N GLU C 234 7.81 5.62 -3.00
CA GLU C 234 9.15 6.13 -3.41
C GLU C 234 9.79 5.13 -4.38
N PRO C 235 10.76 5.59 -5.23
CA PRO C 235 11.53 4.65 -6.06
C PRO C 235 12.29 3.66 -5.17
N GLU C 236 12.39 2.41 -5.63
CA GLU C 236 13.10 1.30 -4.94
C GLU C 236 14.58 1.68 -4.72
N GLU C 237 15.03 1.61 -3.47
CA GLU C 237 16.45 1.55 -3.06
C GLU C 237 16.61 0.29 -2.22
N LEU C 238 17.29 -0.72 -2.75
CA LEU C 238 17.57 -1.98 -2.01
C LEU C 238 18.28 -1.67 -0.68
N MET C 239 17.76 -2.26 0.39
CA MET C 239 18.38 -2.27 1.74
C MET C 239 19.58 -3.25 1.72
N VAL C 240 20.74 -2.73 1.36
CA VAL C 240 22.06 -3.45 1.32
C VAL C 240 23.14 -2.49 1.82
N ASP C 241 24.25 -3.02 2.29
CA ASP C 241 25.42 -2.23 2.81
C ASP C 241 24.94 -1.27 3.92
N ASN C 242 24.11 -1.77 4.84
CA ASN C 242 23.62 -1.01 6.01
C ASN C 242 24.57 -1.21 7.19
N TRP C 243 25.88 -1.10 6.95
CA TRP C 243 26.95 -1.34 7.95
C TRP C 243 27.88 -0.13 8.02
N ARG C 244 28.35 0.17 9.22
CA ARG C 244 29.39 1.18 9.52
C ARG C 244 30.75 0.48 9.55
N PRO C 245 31.78 1.02 8.85
CA PRO C 245 33.12 0.42 8.89
C PRO C 245 33.78 0.55 10.27
N ALA C 246 34.92 -0.14 10.45
CA ALA C 246 35.75 -0.11 11.66
C ALA C 246 36.12 1.32 12.02
N GLN C 247 35.95 1.70 13.29
CA GLN C 247 36.30 3.02 13.84
C GLN C 247 37.61 2.91 14.62
N PRO C 248 38.30 4.04 14.89
CA PRO C 248 39.58 4.02 15.62
C PRO C 248 39.42 3.41 17.02
N LEU C 249 40.27 2.44 17.33
CA LEU C 249 40.30 1.76 18.65
C LEU C 249 40.68 2.77 19.74
N LYS C 250 41.56 3.71 19.41
CA LYS C 250 42.04 4.74 20.35
C LYS C 250 42.66 4.01 21.52
N ASN C 251 42.23 4.24 22.76
CA ASN C 251 43.05 3.65 23.85
C ASN C 251 42.43 2.33 24.33
N ARG C 252 41.53 1.71 23.57
CA ARG C 252 40.67 0.69 24.19
C ARG C 252 41.32 -0.68 24.20
N GLN C 253 41.05 -1.46 25.25
CA GLN C 253 41.51 -2.87 25.34
C GLN C 253 40.34 -3.79 24.93
N ILE C 254 40.61 -4.62 23.93
CA ILE C 254 39.71 -5.75 23.52
C ILE C 254 40.22 -7.00 24.23
N LYS C 255 39.36 -7.62 25.04
CA LYS C 255 39.68 -8.84 25.82
C LYS C 255 39.02 -10.06 25.18
N ALA C 256 39.76 -11.18 25.16
CA ALA C 256 39.29 -12.50 24.68
C ALA C 256 38.91 -13.35 25.89
N SER C 257 37.79 -14.08 25.78
CA SER C 257 37.31 -15.01 26.82
C SER C 257 38.01 -16.36 26.68
N PHE C 258 38.90 -16.54 25.68
CA PHE C 258 39.43 -17.86 25.23
C PHE C 258 40.91 -17.75 24.81
N LYS C 259 41.66 -18.87 24.78
CA LYS C 259 43.06 -18.94 24.25
C LYS C 259 43.03 -19.45 22.80
N HIS D 3 -5.34 -17.78 -12.25
CA HIS D 3 -5.53 -16.54 -13.06
C HIS D 3 -4.45 -16.50 -14.17
N TRP D 4 -4.87 -16.14 -15.39
CA TRP D 4 -3.97 -15.98 -16.57
C TRP D 4 -2.88 -14.93 -16.27
N GLY D 5 -1.74 -15.07 -16.95
CA GLY D 5 -0.67 -14.05 -17.00
C GLY D 5 0.29 -14.28 -18.15
N TYR D 6 1.58 -14.12 -17.92
CA TYR D 6 2.63 -14.22 -18.95
C TYR D 6 3.71 -15.20 -18.51
N GLY D 7 3.48 -15.99 -17.46
CA GLY D 7 4.45 -16.92 -16.87
C GLY D 7 4.49 -18.28 -17.56
N LYS D 8 5.44 -19.11 -17.12
CA LYS D 8 5.62 -20.54 -17.46
C LYS D 8 4.27 -21.29 -17.52
N HIS D 9 3.38 -21.08 -16.54
CA HIS D 9 2.22 -21.98 -16.29
C HIS D 9 0.90 -21.33 -16.69
N ASN D 10 0.84 -20.01 -16.85
CA ASN D 10 -0.43 -19.25 -17.02
C ASN D 10 -0.35 -18.33 -18.26
N GLY D 11 0.66 -18.50 -19.13
CA GLY D 11 0.95 -17.57 -20.23
C GLY D 11 0.20 -17.90 -21.52
N PRO D 12 0.49 -17.15 -22.61
CA PRO D 12 -0.23 -17.28 -23.89
C PRO D 12 -0.47 -18.72 -24.37
N GLU D 13 0.52 -19.60 -24.27
CA GLU D 13 0.43 -21.04 -24.63
C GLU D 13 -0.72 -21.74 -23.87
N HIS D 14 -1.09 -21.29 -22.67
CA HIS D 14 -2.11 -21.93 -21.79
CA HIS D 14 -2.06 -21.95 -21.82
C HIS D 14 -3.49 -21.26 -21.92
N TRP D 15 -3.57 -20.05 -22.46
CA TRP D 15 -4.83 -19.25 -22.42
C TRP D 15 -6.00 -20.03 -23.03
N HIS D 16 -5.75 -20.81 -24.08
CA HIS D 16 -6.78 -21.57 -24.83
C HIS D 16 -7.58 -22.46 -23.88
N LYS D 17 -6.98 -22.95 -22.78
CA LYS D 17 -7.60 -23.93 -21.84
C LYS D 17 -8.79 -23.27 -21.13
N ASP D 18 -8.69 -21.97 -20.86
CA ASP D 18 -9.67 -21.21 -20.04
C ASP D 18 -10.48 -20.27 -20.92
N PHE D 19 -9.94 -19.86 -22.08
CA PHE D 19 -10.55 -18.91 -23.05
C PHE D 19 -10.50 -19.54 -24.44
N PRO D 20 -11.49 -20.40 -24.79
CA PRO D 20 -11.42 -21.20 -26.01
C PRO D 20 -11.23 -20.37 -27.29
N ILE D 21 -11.73 -19.14 -27.31
CA ILE D 21 -11.62 -18.22 -28.48
C ILE D 21 -10.14 -17.91 -28.77
N ALA D 22 -9.19 -18.24 -27.90
CA ALA D 22 -7.74 -18.02 -28.12
C ALA D 22 -7.29 -18.69 -29.42
N LYS D 23 -8.02 -19.69 -29.89
CA LYS D 23 -7.72 -20.40 -31.17
C LYS D 23 -8.74 -19.99 -32.24
N GLY D 24 -9.41 -18.86 -32.09
CA GLY D 24 -10.38 -18.36 -33.07
C GLY D 24 -9.73 -17.95 -34.39
N GLU D 25 -10.59 -17.52 -35.32
CA GLU D 25 -10.20 -17.18 -36.72
C GLU D 25 -9.64 -15.76 -36.86
N ARG D 26 -9.74 -14.91 -35.86
CA ARG D 26 -9.25 -13.50 -35.96
C ARG D 26 -8.53 -13.09 -34.67
N GLN D 27 -7.46 -13.80 -34.35
CA GLN D 27 -6.70 -13.52 -33.10
C GLN D 27 -5.61 -12.48 -33.37
N SER D 28 -5.34 -11.65 -32.36
CA SER D 28 -4.29 -10.61 -32.40
C SER D 28 -3.29 -10.87 -31.28
N PRO D 29 -2.02 -10.42 -31.42
CA PRO D 29 -1.58 -9.64 -32.58
C PRO D 29 -1.21 -10.53 -33.78
N VAL D 30 -0.73 -9.91 -34.86
CA VAL D 30 -0.20 -10.59 -36.07
C VAL D 30 1.12 -9.95 -36.50
N ASP D 31 1.89 -10.68 -37.28
CA ASP D 31 3.02 -10.12 -38.04
C ASP D 31 2.48 -9.36 -39.25
N ILE D 32 2.95 -8.14 -39.49
CA ILE D 32 2.56 -7.33 -40.67
C ILE D 32 3.69 -7.42 -41.71
N ASP D 33 3.53 -8.29 -42.73
CA ASP D 33 4.53 -8.47 -43.81
C ASP D 33 4.23 -7.38 -44.84
N THR D 34 5.18 -6.50 -45.10
CA THR D 34 5.00 -5.31 -45.98
C THR D 34 4.94 -5.77 -47.44
N HIS D 35 5.27 -7.03 -47.78
CA HIS D 35 5.10 -7.63 -49.13
C HIS D 35 3.62 -7.87 -49.45
N THR D 36 2.81 -8.26 -48.45
CA THR D 36 1.40 -8.74 -48.60
C THR D 36 0.40 -7.74 -47.99
N ALA D 37 0.82 -6.89 -47.05
CA ALA D 37 -0.05 -5.84 -46.48
C ALA D 37 -0.11 -4.68 -47.49
N LYS D 38 -0.95 -4.81 -48.53
CA LYS D 38 -0.98 -3.94 -49.73
C LYS D 38 -1.67 -2.60 -49.44
N TYR D 39 -1.21 -1.55 -50.12
CA TYR D 39 -1.86 -0.21 -50.17
C TYR D 39 -3.33 -0.39 -50.60
N ASP D 40 -4.27 0.26 -49.89
CA ASP D 40 -5.71 0.32 -50.27
C ASP D 40 -6.09 1.78 -50.49
N PRO D 41 -6.22 2.25 -51.76
CA PRO D 41 -6.53 3.65 -52.03
C PRO D 41 -7.91 4.08 -51.50
N SER D 42 -8.81 3.13 -51.17
CA SER D 42 -10.17 3.43 -50.66
C SER D 42 -10.14 3.80 -49.17
N LEU D 43 -9.05 3.54 -48.44
CA LEU D 43 -9.00 3.80 -46.97
C LEU D 43 -8.94 5.31 -46.72
N LYS D 44 -9.96 5.87 -46.05
CA LYS D 44 -10.06 7.31 -45.66
C LYS D 44 -8.95 7.64 -44.67
N PRO D 45 -8.52 8.92 -44.58
CA PRO D 45 -7.56 9.33 -43.56
C PRO D 45 -8.17 9.07 -42.17
N LEU D 46 -7.33 8.82 -41.19
CA LEU D 46 -7.73 8.60 -39.79
C LEU D 46 -8.05 9.94 -39.13
N SER D 47 -9.13 10.03 -38.37
CA SER D 47 -9.52 11.29 -37.67
C SER D 47 -9.45 11.11 -36.15
N VAL D 48 -8.42 11.67 -35.53
CA VAL D 48 -8.16 11.57 -34.07
C VAL D 48 -8.63 12.88 -33.45
N SER D 49 -9.59 12.83 -32.53
CA SER D 49 -10.21 14.03 -31.93
C SER D 49 -10.06 13.95 -30.40
N TYR D 50 -8.89 14.32 -29.89
CA TYR D 50 -8.46 14.13 -28.48
C TYR D 50 -8.35 15.47 -27.73
N ASP D 51 -8.77 16.58 -28.35
CA ASP D 51 -8.62 17.94 -27.75
C ASP D 51 -9.24 17.96 -26.35
N GLN D 52 -10.40 17.35 -26.15
CA GLN D 52 -11.13 17.47 -24.86
C GLN D 52 -10.99 16.19 -24.02
N ALA D 53 -10.02 15.32 -24.29
CA ALA D 53 -9.79 14.09 -23.49
C ALA D 53 -9.75 14.42 -21.98
N THR D 54 -10.50 13.68 -21.17
CA THR D 54 -10.53 13.83 -19.68
C THR D 54 -9.98 12.54 -19.05
N SER D 55 -8.68 12.52 -18.71
CA SER D 55 -8.08 11.39 -17.98
C SER D 55 -8.66 11.38 -16.54
N LEU D 56 -8.87 10.20 -15.95
CA LEU D 56 -9.45 10.03 -14.59
C LEU D 56 -8.45 9.37 -13.64
N ARG D 57 -7.89 8.24 -14.03
CA ARG D 57 -7.13 7.36 -13.10
C ARG D 57 -6.08 6.58 -13.87
N ILE D 58 -5.06 6.13 -13.15
CA ILE D 58 -4.04 5.17 -13.61
C ILE D 58 -4.01 4.01 -12.62
N LEU D 59 -3.90 2.78 -13.11
CA LEU D 59 -3.98 1.59 -12.25
C LEU D 59 -3.06 0.49 -12.77
N ASN D 60 -2.49 -0.24 -11.82
CA ASN D 60 -1.76 -1.51 -12.03
C ASN D 60 -2.80 -2.62 -11.85
N ASN D 61 -3.12 -3.33 -12.92
CA ASN D 61 -4.13 -4.43 -12.87
C ASN D 61 -3.44 -5.79 -12.80
N GLY D 62 -2.12 -5.85 -12.63
CA GLY D 62 -1.39 -7.12 -12.56
C GLY D 62 -0.93 -7.65 -13.91
N HIS D 63 -1.30 -6.97 -15.02
CA HIS D 63 -0.95 -7.35 -16.40
C HIS D 63 -0.23 -6.20 -17.09
N ALA D 64 -0.75 -4.98 -16.94
CA ALA D 64 -0.13 -3.71 -17.40
C ALA D 64 -0.56 -2.61 -16.43
N PHE D 65 -0.38 -1.35 -16.83
CA PHE D 65 -1.07 -0.18 -16.21
C PHE D 65 -1.97 0.46 -17.27
N ASN D 66 -3.18 0.83 -16.81
CA ASN D 66 -4.25 1.47 -17.62
C ASN D 66 -4.41 2.91 -17.17
N VAL D 67 -4.41 3.85 -18.12
CA VAL D 67 -4.90 5.23 -17.90
C VAL D 67 -6.34 5.23 -18.41
N GLU D 68 -7.28 5.51 -17.51
CA GLU D 68 -8.73 5.49 -17.82
C GLU D 68 -9.19 6.91 -18.08
N PHE D 69 -10.15 7.04 -19.00
CA PHE D 69 -10.73 8.31 -19.47
C PHE D 69 -12.23 8.33 -19.16
N ASP D 70 -12.78 9.53 -19.00
CA ASP D 70 -14.24 9.78 -19.00
C ASP D 70 -14.76 9.49 -20.40
N ASP D 71 -15.58 8.45 -20.52
CA ASP D 71 -16.14 7.95 -21.80
C ASP D 71 -17.67 8.10 -21.78
N SER D 72 -18.22 8.95 -20.91
CA SER D 72 -19.68 9.22 -20.86
C SER D 72 -20.09 10.13 -22.01
N GLN D 73 -19.12 10.76 -22.70
CA GLN D 73 -19.37 11.70 -23.83
C GLN D 73 -18.30 11.51 -24.91
N ASP D 74 -18.51 12.18 -26.04
CA ASP D 74 -17.62 12.17 -27.24
C ASP D 74 -16.51 13.22 -27.07
N LYS D 75 -15.78 13.21 -25.95
CA LYS D 75 -14.68 14.17 -25.67
C LYS D 75 -13.37 13.71 -26.35
N ALA D 76 -13.21 12.41 -26.57
CA ALA D 76 -11.99 11.84 -27.14
C ALA D 76 -12.42 10.66 -28.01
N VAL D 77 -12.38 10.85 -29.33
CA VAL D 77 -12.97 9.88 -30.30
C VAL D 77 -12.01 9.63 -31.48
N LEU D 78 -12.13 8.44 -32.05
CA LEU D 78 -11.53 7.97 -33.30
C LEU D 78 -12.66 7.87 -34.31
N LYS D 79 -12.49 8.51 -35.47
CA LYS D 79 -13.39 8.41 -36.65
C LYS D 79 -12.52 8.22 -37.89
N GLY D 80 -13.17 7.99 -39.03
CA GLY D 80 -12.52 7.82 -40.34
C GLY D 80 -11.69 6.55 -40.37
N GLY D 81 -10.64 6.55 -41.17
CA GLY D 81 -9.90 5.34 -41.52
C GLY D 81 -10.88 4.26 -41.93
N PRO D 82 -10.74 3.02 -41.40
CA PRO D 82 -11.66 1.93 -41.74
C PRO D 82 -13.00 1.99 -40.99
N LEU D 83 -13.19 2.94 -40.04
CA LEU D 83 -14.29 2.87 -39.04
C LEU D 83 -15.57 3.51 -39.57
N ASP D 84 -16.71 2.84 -39.38
CA ASP D 84 -18.06 3.46 -39.43
C ASP D 84 -18.42 3.87 -38.01
N GLY D 85 -18.72 5.16 -37.81
CA GLY D 85 -19.33 5.68 -36.58
C GLY D 85 -18.28 6.26 -35.66
N THR D 86 -18.66 6.47 -34.40
CA THR D 86 -17.80 7.15 -33.40
C THR D 86 -17.33 6.11 -32.39
N TYR D 87 -16.02 6.11 -32.13
CA TYR D 87 -15.37 5.21 -31.13
C TYR D 87 -14.76 6.07 -30.01
N ARG D 88 -15.26 5.92 -28.79
CA ARG D 88 -14.82 6.72 -27.60
C ARG D 88 -13.63 6.04 -26.92
N LEU D 89 -12.58 6.82 -26.70
CA LEU D 89 -11.39 6.45 -25.90
C LEU D 89 -11.85 6.10 -24.48
N ILE D 90 -11.55 4.88 -24.03
CA ILE D 90 -11.88 4.40 -22.67
C ILE D 90 -10.57 4.30 -21.87
N GLN D 91 -9.50 3.75 -22.47
CA GLN D 91 -8.21 3.62 -21.75
C GLN D 91 -7.07 3.45 -22.75
N PHE D 92 -5.84 3.71 -22.31
CA PHE D 92 -4.60 3.28 -23.01
C PHE D 92 -3.74 2.50 -22.00
N HIS D 93 -2.90 1.64 -22.55
CA HIS D 93 -1.93 0.82 -21.81
C HIS D 93 -0.80 0.49 -22.76
N PHE D 94 0.28 -0.07 -22.24
CA PHE D 94 1.44 -0.51 -23.03
C PHE D 94 1.62 -2.01 -22.79
N HIS D 95 2.35 -2.63 -23.73
CA HIS D 95 3.07 -3.91 -23.57
C HIS D 95 4.55 -3.61 -23.82
N TRP D 96 5.46 -4.20 -23.05
CA TRP D 96 6.91 -3.93 -23.16
C TRP D 96 7.73 -5.17 -22.77
N GLY D 97 9.02 -5.14 -23.10
CA GLY D 97 9.90 -6.30 -22.89
C GLY D 97 10.81 -6.12 -21.70
N SER D 98 11.56 -7.19 -21.41
CA SER D 98 12.66 -7.21 -20.42
C SER D 98 13.93 -6.59 -21.05
N LEU D 99 14.03 -6.58 -22.38
CA LEU D 99 15.15 -6.07 -23.21
C LEU D 99 14.59 -5.25 -24.37
N ASP D 100 15.38 -4.32 -24.93
CA ASP D 100 14.96 -3.40 -26.03
C ASP D 100 14.59 -4.20 -27.29
N GLY D 101 15.16 -5.40 -27.48
CA GLY D 101 14.95 -6.22 -28.69
C GLY D 101 13.60 -6.91 -28.73
N GLN D 102 12.75 -6.74 -27.69
CA GLN D 102 11.39 -7.34 -27.65
C GLN D 102 10.46 -6.47 -26.79
N GLY D 103 9.15 -6.73 -26.90
CA GLY D 103 8.11 -5.99 -26.16
C GLY D 103 6.85 -5.77 -26.95
N SER D 104 6.96 -5.48 -28.24
CA SER D 104 5.76 -5.21 -29.09
C SER D 104 4.96 -6.52 -29.27
N GLU D 105 3.65 -6.38 -29.45
CA GLU D 105 2.73 -7.49 -29.79
C GLU D 105 2.74 -7.67 -31.31
N HIS D 106 2.27 -6.66 -32.04
CA HIS D 106 2.45 -6.63 -33.52
C HIS D 106 3.95 -6.55 -33.81
N THR D 107 4.31 -7.10 -34.97
CA THR D 107 5.67 -7.08 -35.58
C THR D 107 5.50 -6.60 -37.01
N VAL D 108 6.55 -6.00 -37.57
CA VAL D 108 6.57 -5.53 -38.98
C VAL D 108 7.74 -6.26 -39.63
N ASP D 109 7.44 -7.15 -40.58
CA ASP D 109 8.42 -8.03 -41.23
C ASP D 109 9.24 -8.73 -40.12
N LYS D 110 8.54 -9.19 -39.07
CA LYS D 110 9.08 -9.96 -37.91
C LYS D 110 9.93 -9.08 -36.98
N LYS D 111 10.14 -7.80 -37.27
CA LYS D 111 10.84 -6.88 -36.33
C LYS D 111 9.95 -6.66 -35.11
N LYS D 112 10.46 -6.96 -33.92
CA LYS D 112 9.81 -6.60 -32.63
C LYS D 112 10.33 -5.24 -32.17
N TYR D 113 9.44 -4.37 -31.71
CA TYR D 113 9.79 -3.08 -31.08
C TYR D 113 9.90 -3.27 -29.56
N ALA D 114 10.47 -2.28 -28.88
CA ALA D 114 10.76 -2.27 -27.42
C ALA D 114 9.44 -2.31 -26.63
N ALA D 115 8.38 -1.72 -27.18
CA ALA D 115 7.05 -1.68 -26.53
C ALA D 115 5.99 -1.31 -27.57
N GLU D 116 4.72 -1.41 -27.17
CA GLU D 116 3.58 -1.05 -28.02
C GLU D 116 2.53 -0.39 -27.13
N LEU D 117 2.06 0.79 -27.56
CA LEU D 117 0.95 1.55 -26.93
C LEU D 117 -0.37 1.17 -27.61
N HIS D 118 -1.40 0.90 -26.81
CA HIS D 118 -2.77 0.56 -27.25
C HIS D 118 -3.73 1.62 -26.70
N LEU D 119 -4.25 2.48 -27.57
CA LEU D 119 -5.37 3.39 -27.26
C LEU D 119 -6.68 2.66 -27.62
N VAL D 120 -7.50 2.39 -26.60
CA VAL D 120 -8.69 1.49 -26.68
C VAL D 120 -9.94 2.35 -26.78
N HIS D 121 -10.73 2.13 -27.82
CA HIS D 121 -11.98 2.89 -28.10
C HIS D 121 -13.12 1.90 -28.35
N TRP D 122 -14.33 2.27 -27.99
CA TRP D 122 -15.53 1.43 -28.24
C TRP D 122 -16.60 2.22 -29.00
N ASN D 123 -17.31 1.50 -29.86
CA ASN D 123 -18.34 2.03 -30.81
C ASN D 123 -19.58 2.47 -30.01
N THR D 124 -19.95 3.75 -30.09
CA THR D 124 -21.01 4.37 -29.27
C THR D 124 -22.37 3.81 -29.69
N LYS D 125 -22.42 3.20 -30.87
CA LYS D 125 -23.61 2.48 -31.39
C LYS D 125 -24.08 1.42 -30.38
N TYR D 126 -23.21 0.90 -29.52
CA TYR D 126 -23.55 -0.25 -28.65
C TYR D 126 -23.80 0.12 -27.18
N GLY D 127 -23.76 1.38 -26.78
CA GLY D 127 -24.34 1.77 -25.48
C GLY D 127 -23.32 1.74 -24.36
N ASP D 128 -22.58 0.62 -24.17
CA ASP D 128 -21.43 0.58 -23.20
C ASP D 128 -20.32 -0.34 -23.70
N PHE D 129 -19.15 -0.33 -23.06
CA PHE D 129 -17.98 -1.18 -23.42
C PHE D 129 -18.32 -2.67 -23.34
N GLY D 130 -19.03 -3.08 -22.29
CA GLY D 130 -19.42 -4.50 -22.05
C GLY D 130 -20.22 -5.07 -23.22
N LYS D 131 -21.04 -4.25 -23.85
CA LYS D 131 -21.87 -4.68 -24.99
C LYS D 131 -21.07 -4.61 -26.28
N ALA D 132 -20.20 -3.59 -26.41
CA ALA D 132 -19.34 -3.35 -27.59
C ALA D 132 -18.41 -4.53 -27.83
N VAL D 133 -17.91 -5.19 -26.78
CA VAL D 133 -16.91 -6.29 -26.93
C VAL D 133 -17.60 -7.53 -27.53
N GLN D 134 -18.92 -7.55 -27.60
CA GLN D 134 -19.70 -8.70 -28.15
C GLN D 134 -19.94 -8.51 -29.65
N GLN D 135 -19.41 -7.44 -30.26
CA GLN D 135 -19.67 -7.11 -31.68
C GLN D 135 -18.37 -7.09 -32.48
N PRO D 136 -18.35 -7.61 -33.72
CA PRO D 136 -17.12 -7.62 -34.51
C PRO D 136 -16.53 -6.22 -34.77
N ASP D 137 -17.38 -5.20 -34.81
CA ASP D 137 -17.02 -3.77 -35.08
C ASP D 137 -17.11 -2.96 -33.76
N GLY D 138 -17.01 -3.63 -32.62
CA GLY D 138 -17.30 -3.04 -31.30
C GLY D 138 -16.20 -2.10 -30.83
N LEU D 139 -14.95 -2.45 -31.11
CA LEU D 139 -13.76 -1.75 -30.59
C LEU D 139 -12.87 -1.34 -31.75
N ALA D 140 -12.11 -0.27 -31.53
CA ALA D 140 -11.01 0.15 -32.42
C ALA D 140 -9.80 0.42 -31.52
N VAL D 141 -8.74 -0.35 -31.73
CA VAL D 141 -7.49 -0.13 -30.96
C VAL D 141 -6.45 0.47 -31.89
N LEU D 142 -6.02 1.67 -31.53
CA LEU D 142 -4.88 2.39 -32.15
C LEU D 142 -3.60 1.88 -31.48
N GLY D 143 -2.78 1.17 -32.27
CA GLY D 143 -1.49 0.59 -31.85
C GLY D 143 -0.36 1.48 -32.33
N ILE D 144 0.55 1.82 -31.41
CA ILE D 144 1.74 2.67 -31.73
C ILE D 144 2.97 1.97 -31.16
N PHE D 145 3.95 1.75 -32.02
CA PHE D 145 5.25 1.13 -31.66
C PHE D 145 6.13 2.13 -30.89
N LEU D 146 6.89 1.62 -29.92
CA LEU D 146 7.91 2.40 -29.17
C LEU D 146 9.30 1.85 -29.50
N LYS D 147 10.21 2.75 -29.84
CA LYS D 147 11.64 2.43 -29.97
C LYS D 147 12.40 3.32 -28.98
N VAL D 148 13.62 2.91 -28.63
CA VAL D 148 14.45 3.61 -27.62
C VAL D 148 15.34 4.64 -28.36
N GLY D 149 15.16 5.90 -28.02
CA GLY D 149 16.00 7.00 -28.51
C GLY D 149 15.84 8.19 -27.61
N SER D 150 15.42 9.32 -28.17
CA SER D 150 15.02 10.53 -27.42
C SER D 150 13.81 10.25 -26.54
N ALA D 151 13.74 10.94 -25.41
CA ALA D 151 12.58 11.03 -24.51
C ALA D 151 11.34 11.48 -25.29
N LYS D 152 10.19 10.85 -25.00
CA LYS D 152 8.85 11.36 -25.40
C LYS D 152 8.37 12.32 -24.31
N PRO D 153 8.37 13.65 -24.52
CA PRO D 153 7.90 14.61 -23.52
C PRO D 153 6.49 14.31 -22.98
N GLY D 154 5.57 13.96 -23.89
CA GLY D 154 4.17 13.64 -23.56
C GLY D 154 4.02 12.39 -22.70
N LEU D 155 5.06 11.56 -22.55
CA LEU D 155 5.03 10.31 -21.73
C LEU D 155 5.46 10.61 -20.28
N GLN D 156 6.12 11.75 -20.05
CA GLN D 156 6.83 11.99 -18.77
C GLN D 156 5.84 11.97 -17.59
N LYS D 157 4.63 12.50 -17.77
CA LYS D 157 3.64 12.63 -16.69
C LYS D 157 3.16 11.22 -16.26
N VAL D 158 3.15 10.25 -17.19
CA VAL D 158 2.80 8.83 -16.91
C VAL D 158 3.93 8.19 -16.11
N VAL D 159 5.13 8.22 -16.66
CA VAL D 159 6.33 7.61 -16.03
C VAL D 159 6.52 8.15 -14.60
N ASP D 160 6.26 9.43 -14.37
CA ASP D 160 6.54 10.12 -13.09
C ASP D 160 5.58 9.64 -11.99
N VAL D 161 4.47 8.98 -12.30
CA VAL D 161 3.48 8.56 -11.27
C VAL D 161 3.62 7.07 -10.95
N LEU D 162 4.48 6.32 -11.64
CA LEU D 162 4.46 4.84 -11.62
C LEU D 162 4.90 4.28 -10.26
N ASP D 163 5.76 4.96 -9.53
CA ASP D 163 6.13 4.59 -8.14
C ASP D 163 4.88 4.49 -7.23
N SER D 164 3.81 5.26 -7.50
CA SER D 164 2.58 5.28 -6.68
C SER D 164 1.65 4.08 -6.98
N ILE D 165 1.87 3.36 -8.07
CA ILE D 165 1.09 2.14 -8.48
C ILE D 165 2.01 0.98 -8.83
N LYS D 166 3.08 0.76 -8.04
CA LYS D 166 4.12 -0.26 -8.33
C LYS D 166 3.54 -1.68 -8.37
N THR D 167 2.59 -1.99 -7.48
CA THR D 167 2.03 -3.35 -7.26
C THR D 167 0.57 -3.44 -7.74
N LYS D 168 0.16 -4.67 -8.04
CA LYS D 168 -1.18 -5.06 -8.55
C LYS D 168 -2.28 -4.59 -7.60
N GLY D 169 -3.35 -4.02 -8.17
CA GLY D 169 -4.55 -3.58 -7.43
C GLY D 169 -4.45 -2.15 -6.92
N LYS D 170 -3.34 -1.45 -7.13
CA LYS D 170 -3.15 -0.03 -6.77
C LYS D 170 -3.60 0.86 -7.92
N SER D 171 -4.13 2.03 -7.59
CA SER D 171 -4.45 3.09 -8.56
C SER D 171 -4.16 4.47 -7.95
N ALA D 172 -4.23 5.49 -8.78
CA ALA D 172 -4.12 6.91 -8.38
C ALA D 172 -5.01 7.78 -9.27
N ASP D 173 -5.52 8.87 -8.70
CA ASP D 173 -6.10 9.98 -9.47
C ASP D 173 -5.08 10.40 -10.55
N PHE D 174 -5.52 10.55 -11.79
CA PHE D 174 -4.62 10.92 -12.92
C PHE D 174 -5.39 11.83 -13.89
N THR D 175 -5.39 13.12 -13.61
CA THR D 175 -6.18 14.14 -14.36
C THR D 175 -5.31 14.98 -15.30
N ASN D 176 -5.96 15.54 -16.30
CA ASN D 176 -5.39 16.51 -17.28
C ASN D 176 -4.24 15.86 -18.03
N PHE D 177 -4.30 14.56 -18.29
CA PHE D 177 -3.32 13.92 -19.18
C PHE D 177 -3.82 14.02 -20.63
N ASP D 178 -2.94 14.53 -21.49
CA ASP D 178 -3.18 14.78 -22.93
C ASP D 178 -2.62 13.61 -23.73
N PRO D 179 -3.49 12.70 -24.24
CA PRO D 179 -3.01 11.56 -25.02
C PRO D 179 -2.44 11.95 -26.40
N ARG D 180 -2.68 13.19 -26.87
CA ARG D 180 -2.07 13.68 -28.13
C ARG D 180 -0.55 13.68 -27.98
N GLY D 181 -0.03 13.86 -26.77
CA GLY D 181 1.42 13.88 -26.51
C GLY D 181 2.09 12.53 -26.70
N LEU D 182 1.31 11.46 -26.94
CA LEU D 182 1.87 10.10 -27.19
C LEU D 182 1.87 9.75 -28.69
N LEU D 183 1.41 10.65 -29.57
CA LEU D 183 1.23 10.32 -31.01
C LEU D 183 2.52 10.58 -31.79
N PRO D 184 2.77 9.85 -32.91
CA PRO D 184 3.83 10.20 -33.86
C PRO D 184 3.35 11.36 -34.74
N GLU D 185 4.14 11.77 -35.74
CA GLU D 185 3.76 12.86 -36.68
C GLU D 185 2.76 12.31 -37.70
N SER D 186 3.04 11.16 -38.29
CA SER D 186 2.21 10.54 -39.37
C SER D 186 1.15 9.63 -38.74
N LEU D 187 -0.07 9.69 -39.28
CA LEU D 187 -1.16 8.75 -38.94
C LEU D 187 -1.30 7.71 -40.06
N ASP D 188 -0.29 7.54 -40.91
CA ASP D 188 -0.26 6.38 -41.85
C ASP D 188 -0.37 5.12 -41.01
N TYR D 189 -1.13 4.13 -41.48
CA TYR D 189 -1.51 2.94 -40.68
C TYR D 189 -1.75 1.70 -41.55
N TRP D 190 -1.67 0.56 -40.86
CA TRP D 190 -2.18 -0.75 -41.28
C TRP D 190 -3.50 -1.01 -40.52
N THR D 191 -4.43 -1.73 -41.12
CA THR D 191 -5.69 -2.17 -40.46
C THR D 191 -6.03 -3.61 -40.85
N TYR D 192 -6.62 -4.35 -39.92
CA TYR D 192 -7.09 -5.75 -40.09
C TYR D 192 -8.05 -6.09 -38.95
N PRO D 193 -9.05 -6.98 -39.16
CA PRO D 193 -9.96 -7.39 -38.11
C PRO D 193 -9.23 -8.36 -37.16
N GLY D 194 -9.39 -8.16 -35.85
CA GLY D 194 -8.69 -8.97 -34.84
C GLY D 194 -9.40 -8.98 -33.50
N SER D 195 -8.62 -9.20 -32.44
CA SER D 195 -9.11 -9.50 -31.09
C SER D 195 -8.42 -8.63 -30.05
N LEU D 196 -8.95 -8.65 -28.83
CA LEU D 196 -8.18 -8.41 -27.58
C LEU D 196 -6.96 -9.33 -27.58
N THR D 197 -5.78 -8.80 -27.21
CA THR D 197 -4.52 -9.55 -27.08
C THR D 197 -4.37 -10.16 -25.68
N THR D 198 -5.33 -9.91 -24.79
CA THR D 198 -5.39 -10.48 -23.42
C THR D 198 -6.74 -11.13 -23.26
N PRO D 199 -6.85 -12.19 -22.43
CA PRO D 199 -8.14 -12.73 -22.05
C PRO D 199 -9.08 -11.60 -21.61
N PRO D 200 -10.36 -11.58 -22.04
CA PRO D 200 -11.00 -12.69 -22.76
C PRO D 200 -10.79 -12.88 -24.28
N LEU D 201 -9.88 -12.13 -24.92
CA LEU D 201 -9.43 -12.43 -26.32
C LEU D 201 -10.59 -12.31 -27.32
N LEU D 202 -11.56 -11.46 -27.01
CA LEU D 202 -12.81 -11.33 -27.79
C LEU D 202 -12.50 -10.75 -29.17
N GLU D 203 -13.16 -11.30 -30.20
CA GLU D 203 -12.88 -10.98 -31.64
C GLU D 203 -13.74 -9.77 -32.05
N CYS D 204 -13.43 -8.62 -31.47
CA CYS D 204 -14.31 -7.43 -31.49
C CYS D 204 -13.54 -6.17 -31.95
N VAL D 205 -12.30 -6.33 -32.43
CA VAL D 205 -11.39 -5.18 -32.65
C VAL D 205 -11.13 -4.97 -34.15
N THR D 206 -11.35 -3.73 -34.59
CA THR D 206 -10.66 -3.16 -35.77
C THR D 206 -9.32 -2.60 -35.30
N TRP D 207 -8.24 -3.29 -35.67
CA TRP D 207 -6.85 -2.89 -35.36
C TRP D 207 -6.39 -1.83 -36.34
N ILE D 208 -5.89 -0.73 -35.79
CA ILE D 208 -5.28 0.37 -36.58
C ILE D 208 -3.88 0.55 -36.02
N VAL D 209 -2.88 0.05 -36.75
CA VAL D 209 -1.46 0.08 -36.27
C VAL D 209 -0.69 1.13 -37.06
N LEU D 210 -0.12 2.12 -36.39
CA LEU D 210 0.59 3.24 -37.07
C LEU D 210 1.95 2.75 -37.55
N LYS D 211 2.30 3.15 -38.77
CA LYS D 211 3.59 2.93 -39.46
C LYS D 211 4.70 3.61 -38.65
N GLU D 212 4.50 4.84 -38.18
CA GLU D 212 5.57 5.64 -37.54
C GLU D 212 5.64 5.31 -36.05
N PRO D 213 6.73 4.68 -35.57
CA PRO D 213 6.94 4.54 -34.13
C PRO D 213 7.25 5.91 -33.48
N ILE D 214 7.00 5.98 -32.17
CA ILE D 214 7.48 7.10 -31.31
C ILE D 214 8.80 6.69 -30.66
N SER D 215 9.62 7.67 -30.32
CA SER D 215 10.85 7.49 -29.50
C SER D 215 10.47 7.68 -28.05
N VAL D 216 10.92 6.77 -27.19
CA VAL D 216 10.99 6.98 -25.72
C VAL D 216 12.46 6.83 -25.31
N SER D 217 12.83 7.40 -24.17
CA SER D 217 14.21 7.31 -23.63
C SER D 217 14.36 5.96 -22.95
N SER D 218 15.59 5.49 -22.79
CA SER D 218 15.84 4.22 -22.06
C SER D 218 15.43 4.39 -20.58
N GLU D 219 15.54 5.62 -20.04
CA GLU D 219 15.09 5.99 -18.67
C GLU D 219 13.57 5.81 -18.59
N GLN D 220 12.81 6.27 -19.59
CA GLN D 220 11.34 6.14 -19.60
C GLN D 220 10.97 4.65 -19.65
N VAL D 221 11.60 3.85 -20.50
CA VAL D 221 11.21 2.41 -20.65
C VAL D 221 11.67 1.65 -19.39
N LEU D 222 12.76 2.09 -18.74
CA LEU D 222 13.27 1.47 -17.49
C LEU D 222 12.21 1.57 -16.39
N LYS D 223 11.47 2.68 -16.32
CA LYS D 223 10.40 2.86 -15.32
C LYS D 223 9.29 1.83 -15.50
N PHE D 224 8.89 1.56 -16.75
CA PHE D 224 7.91 0.48 -17.06
C PHE D 224 8.42 -0.82 -16.42
N ARG D 225 9.71 -1.12 -16.60
CA ARG D 225 10.31 -2.41 -16.19
C ARG D 225 10.43 -2.51 -14.66
N LYS D 226 10.15 -1.44 -13.91
CA LYS D 226 10.26 -1.43 -12.42
C LYS D 226 8.90 -1.63 -11.77
N LEU D 227 7.82 -1.63 -12.56
CA LEU D 227 6.50 -2.09 -12.08
C LEU D 227 6.59 -3.57 -11.70
N ASN D 228 5.63 -4.02 -10.89
CA ASN D 228 5.49 -5.41 -10.38
C ASN D 228 4.16 -6.03 -10.90
N PHE D 229 4.22 -7.29 -11.32
CA PHE D 229 3.03 -8.16 -11.54
C PHE D 229 2.34 -8.48 -10.20
N ASN D 230 3.14 -8.68 -9.16
CA ASN D 230 2.70 -9.17 -7.83
C ASN D 230 1.98 -8.06 -7.04
N GLY D 231 1.23 -8.44 -6.01
CA GLY D 231 0.66 -7.53 -5.01
C GLY D 231 1.68 -7.13 -3.95
N GLU D 232 1.42 -6.03 -3.24
CA GLU D 232 2.26 -5.53 -2.15
C GLU D 232 2.38 -6.60 -1.07
N GLY D 233 3.61 -6.90 -0.63
CA GLY D 233 3.83 -7.93 0.40
C GLY D 233 4.15 -9.30 -0.17
N GLU D 234 4.02 -9.49 -1.48
CA GLU D 234 4.37 -10.74 -2.19
C GLU D 234 5.80 -10.65 -2.71
N PRO D 235 6.46 -11.78 -3.04
CA PRO D 235 7.76 -11.74 -3.72
C PRO D 235 7.65 -10.97 -5.04
N GLU D 236 8.67 -10.15 -5.31
CA GLU D 236 8.76 -9.28 -6.49
C GLU D 236 8.82 -10.16 -7.74
N GLU D 237 7.92 -9.91 -8.70
CA GLU D 237 8.01 -10.37 -10.10
C GLU D 237 7.94 -9.12 -10.96
N LEU D 238 9.05 -8.74 -11.60
CA LEU D 238 9.09 -7.54 -12.49
C LEU D 238 8.01 -7.69 -13.58
N MET D 239 7.23 -6.63 -13.76
CA MET D 239 6.26 -6.51 -14.87
C MET D 239 7.04 -6.20 -16.14
N VAL D 240 7.44 -7.25 -16.86
CA VAL D 240 8.19 -7.23 -18.16
C VAL D 240 7.64 -8.37 -19.03
N ASP D 241 7.84 -8.30 -20.33
CA ASP D 241 7.40 -9.33 -21.32
C ASP D 241 5.88 -9.61 -21.16
N ASN D 242 5.08 -8.57 -21.00
CA ASN D 242 3.60 -8.67 -20.87
C ASN D 242 2.98 -8.54 -22.27
N TRP D 243 3.54 -9.26 -23.25
CA TRP D 243 3.13 -9.24 -24.68
C TRP D 243 2.80 -10.67 -25.14
N ARG D 244 1.77 -10.78 -25.98
CA ARG D 244 1.37 -12.02 -26.69
C ARG D 244 2.07 -12.03 -28.04
N PRO D 245 2.72 -13.16 -28.44
CA PRO D 245 3.37 -13.24 -29.74
C PRO D 245 2.37 -13.21 -30.90
N ALA D 246 2.90 -13.06 -32.12
CA ALA D 246 2.13 -13.06 -33.38
C ALA D 246 1.26 -14.32 -33.46
N GLN D 247 -0.02 -14.16 -33.80
CA GLN D 247 -1.01 -15.26 -33.98
C GLN D 247 -1.19 -15.51 -35.46
N PRO D 248 -1.72 -16.71 -35.85
CA PRO D 248 -1.92 -17.05 -37.26
C PRO D 248 -2.84 -16.04 -37.95
N LEU D 249 -2.38 -15.52 -39.09
CA LEU D 249 -3.13 -14.54 -39.91
C LEU D 249 -4.39 -15.22 -40.45
N LYS D 250 -4.30 -16.52 -40.74
CA LYS D 250 -5.44 -17.33 -41.26
C LYS D 250 -5.81 -16.70 -42.59
N ASN D 251 -7.03 -16.26 -42.81
CA ASN D 251 -7.31 -15.80 -44.21
C ASN D 251 -7.27 -14.28 -44.29
N ARG D 252 -6.77 -13.58 -43.27
CA ARG D 252 -7.13 -12.15 -43.11
C ARG D 252 -6.29 -11.25 -44.00
N GLN D 253 -6.90 -10.15 -44.42
CA GLN D 253 -6.24 -9.14 -45.27
C GLN D 253 -5.85 -7.97 -44.37
N ILE D 254 -4.55 -7.66 -44.38
CA ILE D 254 -4.00 -6.44 -43.74
C ILE D 254 -3.89 -5.39 -44.85
N LYS D 255 -4.56 -4.25 -44.67
CA LYS D 255 -4.53 -3.12 -45.62
C LYS D 255 -3.63 -1.99 -45.10
N ALA D 256 -2.87 -1.38 -46.01
CA ALA D 256 -2.00 -0.22 -45.74
C ALA D 256 -2.69 1.04 -46.24
N SER D 257 -2.61 2.13 -45.47
CA SER D 257 -3.20 3.44 -45.82
C SER D 257 -2.23 4.22 -46.71
N PHE D 258 -1.05 3.67 -47.04
CA PHE D 258 0.10 4.38 -47.67
C PHE D 258 0.85 3.46 -48.67
N LYS D 259 1.63 4.03 -49.61
CA LYS D 259 2.52 3.29 -50.57
C LYS D 259 3.95 3.24 -50.02
#